data_1HUZ
#
_entry.id   1HUZ
#
_cell.length_a   105.780
_cell.length_b   56.134
_cell.length_c   85.414
_cell.angle_alpha   90.00
_cell.angle_beta   106.94
_cell.angle_gamma   90.00
#
_symmetry.space_group_name_H-M   'P 1 21 1'
#
loop_
_entity.id
_entity.type
_entity.pdbx_description
1 polymer "5'-D(*AP*AP*TP*AP*GP*GP*CP*GP*TP*CP*G)-3'"
2 polymer "5'-D(P*CP*GP*AP*CP*GP*CP*CP*T)-3'"
3 polymer 'DNA POLYMERASE BETA'
4 non-polymer 'CHROMIUM ION'
5 non-polymer 'METHYLENEDIPHOSPHONIC ACID'
6 water water
#
loop_
_entity_poly.entity_id
_entity_poly.type
_entity_poly.pdbx_seq_one_letter_code
_entity_poly.pdbx_strand_id
1 'polydeoxyribonucleotide' (DA)(DA)(DT)(DA)(DG)(DG)(DC)(DG)(DT)(DC)(DG) T,C
2 'polydeoxyribonucleotide' (DC)(DG)(DA)(DC)(DG)(DC)(DC)(DT) P,D
3 'polypeptide(L)'
;MSKRKAPQETLNGGITDMLVELANFEKNVSQAIHKYNAYRKAASVIAKYPHKIKSGAEAKKLPGVGTKIAEKIDEFLATG
KLRKLEKIRQDDTSSSINFLTRVTGIGPSAARKLVDEGIKTLEDLRKNEDKLNHHQRIGLKYFEDFEKRIPREEMLQMQD
IVLNEVKKLDPEYIATVCGSFRRGAESSGDMDVLLTHPNFTSESSKQPKLLHRVVEQLQKVRFITDTLSKGETKFMGVCQ
LPSENDENEYPHRRIDIRLIPKDQYYCGVLYFTGSDIFNKNMRAHALEKGFTINEYTIRPLGVTGVAGEPLPVDSEQDIF
DYIQWRYREPKDRSE
;
A,B
#
loop_
_chem_comp.id
_chem_comp.type
_chem_comp.name
_chem_comp.formula
CR non-polymer 'CHROMIUM ION' 'Cr 3'
DA DNA linking 2'-DEOXYADENOSINE-5'-MONOPHOSPHATE 'C10 H14 N5 O6 P'
DC DNA linking 2'-DEOXYCYTIDINE-5'-MONOPHOSPHATE 'C9 H14 N3 O7 P'
DG DNA linking 2'-DEOXYGUANOSINE-5'-MONOPHOSPHATE 'C10 H14 N5 O7 P'
DT DNA linking THYMIDINE-5'-MONOPHOSPHATE 'C10 H15 N2 O8 P'
MDN non-polymer 'METHYLENEDIPHOSPHONIC ACID' 'C H6 O6 P2'
#
# COMPACT_ATOMS: atom_id res chain seq x y z
N THR E 10 0.62 -15.36 -41.02
CA THR E 10 1.78 -15.68 -41.89
C THR E 10 1.30 -16.50 -43.09
N LEU E 11 1.58 -15.99 -44.29
CA LEU E 11 1.17 -16.65 -45.52
C LEU E 11 2.37 -17.34 -46.18
N ASN E 12 3.55 -16.72 -46.04
CA ASN E 12 4.79 -17.26 -46.61
C ASN E 12 5.92 -17.32 -45.58
N GLY E 13 5.63 -17.85 -44.39
CA GLY E 13 6.62 -18.00 -43.35
C GLY E 13 7.88 -18.76 -43.77
N GLY E 14 7.71 -19.93 -44.39
CA GLY E 14 8.84 -20.74 -44.83
C GLY E 14 9.81 -20.07 -45.77
N ILE E 15 9.33 -19.17 -46.62
CA ILE E 15 10.21 -18.47 -47.56
C ILE E 15 10.97 -17.35 -46.81
N THR E 16 10.27 -16.66 -45.93
CA THR E 16 10.87 -15.60 -45.15
C THR E 16 11.96 -16.15 -44.22
N ASP E 17 11.59 -17.13 -43.41
CA ASP E 17 12.54 -17.77 -42.52
C ASP E 17 13.80 -18.15 -43.30
N MET E 18 13.59 -18.69 -44.50
CA MET E 18 14.70 -19.09 -45.33
C MET E 18 15.61 -17.92 -45.74
N LEU E 19 15.02 -16.81 -46.16
CA LEU E 19 15.78 -15.67 -46.61
C LEU E 19 16.52 -14.98 -45.47
N VAL E 20 15.90 -15.04 -44.28
CA VAL E 20 16.47 -14.45 -43.09
C VAL E 20 17.66 -15.29 -42.60
N GLU E 21 17.53 -16.62 -42.70
CA GLU E 21 18.60 -17.52 -42.32
C GLU E 21 19.79 -17.32 -43.26
N LEU E 22 19.48 -17.15 -44.54
CA LEU E 22 20.52 -16.94 -45.57
C LEU E 22 21.17 -15.57 -45.38
N ALA E 23 20.40 -14.65 -44.82
CA ALA E 23 20.88 -13.27 -44.60
C ALA E 23 21.94 -13.26 -43.50
N ASN E 24 21.63 -13.96 -42.42
CA ASN E 24 22.55 -14.05 -41.28
C ASN E 24 23.88 -14.68 -41.72
N PHE E 25 23.77 -15.68 -42.57
CA PHE E 25 24.95 -16.42 -43.07
C PHE E 25 25.86 -15.50 -43.88
N GLU E 26 25.26 -14.54 -44.53
CA GLU E 26 25.99 -13.63 -45.40
C GLU E 26 26.66 -12.52 -44.62
N LYS E 27 26.10 -12.24 -43.46
CA LYS E 27 26.58 -11.19 -42.59
C LYS E 27 27.70 -11.80 -41.73
N ASN E 28 27.31 -12.82 -40.96
CA ASN E 28 28.19 -13.49 -40.03
C ASN E 28 29.32 -14.37 -40.60
N VAL E 29 29.12 -14.98 -41.77
CA VAL E 29 30.15 -15.84 -42.34
C VAL E 29 30.83 -15.26 -43.59
N SER E 30 30.09 -14.94 -44.65
CA SER E 30 30.81 -14.44 -45.80
C SER E 30 31.05 -12.94 -45.77
N GLN E 31 30.40 -12.30 -44.81
CA GLN E 31 30.54 -10.87 -44.59
C GLN E 31 30.21 -10.05 -45.83
N ALA E 32 29.27 -10.56 -46.60
CA ALA E 32 28.79 -9.88 -47.82
C ALA E 32 27.56 -9.06 -47.45
N ILE E 33 27.83 -7.80 -47.13
CA ILE E 33 26.80 -6.85 -46.67
C ILE E 33 25.65 -6.62 -47.68
N HIS E 34 25.95 -6.56 -48.96
CA HIS E 34 24.91 -6.28 -49.99
C HIS E 34 23.90 -7.42 -50.15
N LYS E 35 24.40 -8.64 -50.03
CA LYS E 35 23.53 -9.83 -50.11
C LYS E 35 22.64 -9.88 -48.88
N TYR E 36 23.29 -9.64 -47.74
CA TYR E 36 22.60 -9.63 -46.44
C TYR E 36 21.41 -8.67 -46.53
N ASN E 37 21.68 -7.52 -47.09
CA ASN E 37 20.68 -6.47 -47.26
C ASN E 37 19.56 -6.94 -48.19
N ALA E 38 19.94 -7.49 -49.33
CA ALA E 38 18.95 -7.99 -50.31
C ALA E 38 18.01 -8.97 -49.64
N TYR E 39 18.55 -10.06 -49.07
CA TYR E 39 17.72 -11.07 -48.40
C TYR E 39 16.77 -10.51 -47.36
N ARG E 40 17.23 -9.48 -46.66
CA ARG E 40 16.46 -8.79 -45.60
C ARG E 40 15.34 -7.97 -46.19
N LYS E 41 15.68 -7.19 -47.21
CA LYS E 41 14.72 -6.36 -47.93
C LYS E 41 13.63 -7.27 -48.56
N ALA E 42 14.05 -8.35 -49.24
CA ALA E 42 13.14 -9.33 -49.85
C ALA E 42 12.23 -9.96 -48.81
N ALA E 43 12.78 -10.39 -47.69
CA ALA E 43 11.97 -11.06 -46.67
C ALA E 43 10.89 -10.12 -46.23
N SER E 44 11.30 -8.90 -45.91
CA SER E 44 10.37 -7.87 -45.47
C SER E 44 9.30 -7.58 -46.54
N VAL E 45 9.68 -7.55 -47.82
CA VAL E 45 8.71 -7.33 -48.94
C VAL E 45 7.76 -8.55 -49.10
N ILE E 46 8.29 -9.74 -49.02
CA ILE E 46 7.45 -10.94 -49.14
C ILE E 46 6.46 -11.16 -48.00
N ALA E 47 6.81 -10.70 -46.79
CA ALA E 47 5.94 -10.86 -45.60
C ALA E 47 4.74 -9.92 -45.62
N LYS E 48 4.83 -8.89 -46.45
CA LYS E 48 3.76 -7.92 -46.61
C LYS E 48 2.90 -8.24 -47.84
N TYR E 49 3.34 -9.21 -48.64
CA TYR E 49 2.62 -9.62 -49.86
C TYR E 49 1.37 -10.35 -49.36
N PRO E 50 0.19 -10.02 -49.92
CA PRO E 50 -1.04 -10.68 -49.45
C PRO E 50 -1.47 -12.05 -49.98
N HIS E 51 -0.72 -12.63 -50.91
CA HIS E 51 -1.08 -13.95 -51.43
C HIS E 51 -0.03 -15.01 -51.07
N LYS E 52 -0.41 -16.29 -51.11
CA LYS E 52 0.55 -17.38 -50.86
C LYS E 52 1.31 -17.64 -52.15
N ILE E 53 2.62 -17.40 -52.10
CA ILE E 53 3.55 -17.54 -53.23
C ILE E 53 3.68 -18.96 -53.71
N LYS E 54 3.53 -19.19 -55.03
CA LYS E 54 3.59 -20.56 -55.55
C LYS E 54 4.67 -20.89 -56.54
N SER E 55 5.44 -19.86 -56.90
CA SER E 55 6.54 -20.00 -57.81
C SER E 55 7.53 -18.86 -57.50
N GLY E 56 8.77 -18.99 -57.99
CA GLY E 56 9.78 -17.98 -57.80
C GLY E 56 9.58 -16.90 -58.82
N ALA E 57 8.89 -17.28 -59.90
CA ALA E 57 8.56 -16.42 -61.02
C ALA E 57 7.59 -15.35 -60.53
N GLU E 58 6.65 -15.77 -59.69
CA GLU E 58 5.66 -14.87 -59.11
C GLU E 58 6.35 -13.93 -58.13
N ALA E 59 7.14 -14.51 -57.23
CA ALA E 59 7.92 -13.76 -56.25
C ALA E 59 8.83 -12.72 -56.90
N LYS E 60 9.41 -13.06 -58.04
CA LYS E 60 10.32 -12.16 -58.76
C LYS E 60 9.62 -10.87 -59.22
N LYS E 61 8.29 -10.88 -59.29
CA LYS E 61 7.57 -9.70 -59.74
C LYS E 61 7.68 -8.60 -58.71
N LEU E 62 7.83 -9.02 -57.46
CA LEU E 62 7.98 -8.13 -56.32
C LEU E 62 9.30 -7.42 -56.39
N PRO E 63 9.36 -6.20 -55.82
CA PRO E 63 10.57 -5.37 -55.76
C PRO E 63 11.51 -5.89 -54.67
N GLY E 64 12.81 -5.97 -54.99
CA GLY E 64 13.75 -6.49 -54.02
C GLY E 64 14.04 -7.96 -54.30
N VAL E 65 13.15 -8.67 -55.00
CA VAL E 65 13.43 -10.07 -55.31
C VAL E 65 13.73 -10.24 -56.79
N GLY E 66 14.95 -10.66 -57.08
CA GLY E 66 15.38 -10.84 -58.44
C GLY E 66 15.63 -12.30 -58.70
N THR E 67 16.48 -12.56 -59.68
CA THR E 67 16.76 -13.93 -60.07
C THR E 67 17.35 -14.89 -59.07
N LYS E 68 18.38 -14.46 -58.34
CA LYS E 68 19.03 -15.35 -57.38
C LYS E 68 18.11 -15.69 -56.26
N ILE E 69 17.24 -14.77 -55.89
CA ILE E 69 16.27 -15.07 -54.82
C ILE E 69 15.06 -15.89 -55.30
N ALA E 70 14.66 -15.71 -56.56
CA ALA E 70 13.53 -16.47 -57.13
C ALA E 70 13.96 -17.94 -57.35
N GLU E 71 15.19 -18.14 -57.84
CA GLU E 71 15.72 -19.48 -58.02
C GLU E 71 15.58 -20.19 -56.71
N LYS E 72 16.05 -19.55 -55.62
CA LYS E 72 15.99 -20.17 -54.27
C LYS E 72 14.57 -20.44 -53.84
N ILE E 73 13.70 -19.47 -54.04
CA ILE E 73 12.27 -19.67 -53.69
C ILE E 73 11.69 -20.83 -54.50
N ASP E 74 12.14 -21.00 -55.75
CA ASP E 74 11.68 -22.08 -56.63
C ASP E 74 12.07 -23.40 -56.03
N GLU E 75 13.38 -23.55 -55.83
CA GLU E 75 13.89 -24.76 -55.26
C GLU E 75 13.23 -25.09 -53.93
N PHE E 76 12.95 -24.09 -53.13
CA PHE E 76 12.29 -24.32 -51.85
C PHE E 76 10.85 -24.86 -52.02
N LEU E 77 10.07 -24.25 -52.90
CA LEU E 77 8.67 -24.68 -53.13
C LEU E 77 8.57 -26.10 -53.68
N ALA E 78 9.42 -26.41 -54.65
CA ALA E 78 9.43 -27.71 -55.30
C ALA E 78 9.86 -28.89 -54.45
N THR E 79 10.85 -28.66 -53.57
CA THR E 79 11.45 -29.73 -52.74
C THR E 79 11.28 -29.66 -51.24
N GLY E 80 10.69 -28.57 -50.75
CA GLY E 80 10.52 -28.37 -49.30
C GLY E 80 11.80 -27.91 -48.61
N LYS E 81 12.89 -27.69 -49.38
CA LYS E 81 14.16 -27.25 -48.76
C LYS E 81 15.07 -26.51 -49.74
N LEU E 82 16.24 -26.13 -49.25
CA LEU E 82 17.26 -25.43 -50.02
C LEU E 82 18.58 -26.17 -49.78
N ARG E 83 19.22 -26.65 -50.85
CA ARG E 83 20.47 -27.39 -50.70
C ARG E 83 21.59 -26.52 -50.14
N LYS E 84 21.64 -25.28 -50.61
CA LYS E 84 22.66 -24.32 -50.16
C LYS E 84 22.68 -24.15 -48.64
N LEU E 85 21.49 -24.16 -48.05
CA LEU E 85 21.30 -23.97 -46.63
C LEU E 85 21.53 -25.20 -45.78
N GLU E 86 21.17 -26.39 -46.28
CA GLU E 86 21.37 -27.63 -45.52
C GLU E 86 22.88 -27.84 -45.46
N LYS E 87 23.59 -27.36 -46.47
CA LYS E 87 25.01 -27.48 -46.51
C LYS E 87 25.64 -26.42 -45.61
N ILE E 88 25.00 -25.25 -45.49
CA ILE E 88 25.49 -24.23 -44.61
C ILE E 88 25.35 -24.71 -43.18
N ARG E 89 24.19 -25.29 -42.88
CA ARG E 89 23.92 -25.81 -41.55
C ARG E 89 24.88 -26.93 -41.21
N GLN E 90 25.38 -27.62 -42.23
CA GLN E 90 26.29 -28.75 -42.04
C GLN E 90 27.77 -28.40 -41.95
N ASP E 91 28.15 -27.24 -42.47
CA ASP E 91 29.54 -26.79 -42.43
C ASP E 91 29.90 -26.34 -41.00
N ASP E 92 30.87 -27.03 -40.38
CA ASP E 92 31.26 -26.68 -39.00
C ASP E 92 31.90 -25.33 -38.76
N THR E 93 32.68 -24.86 -39.70
CA THR E 93 33.28 -23.57 -39.51
C THR E 93 32.16 -22.52 -39.49
N SER E 94 31.22 -22.62 -40.45
CA SER E 94 30.06 -21.74 -40.55
C SER E 94 29.19 -21.71 -39.29
N SER E 95 28.84 -22.87 -38.74
CA SER E 95 27.99 -22.86 -37.56
C SER E 95 28.71 -22.32 -36.35
N SER E 96 30.02 -22.59 -36.27
CA SER E 96 30.86 -22.13 -35.17
C SER E 96 31.00 -20.60 -35.25
N ILE E 97 31.34 -20.12 -36.44
CA ILE E 97 31.51 -18.68 -36.70
C ILE E 97 30.22 -17.96 -36.35
N ASN E 98 29.13 -18.60 -36.71
CA ASN E 98 27.81 -18.12 -36.46
C ASN E 98 27.44 -18.05 -34.99
N PHE E 99 27.68 -19.14 -34.26
CA PHE E 99 27.36 -19.22 -32.83
C PHE E 99 28.17 -18.24 -31.97
N LEU E 100 29.46 -18.07 -32.28
CA LEU E 100 30.31 -17.16 -31.53
C LEU E 100 29.84 -15.73 -31.66
N THR E 101 29.17 -15.40 -32.78
CA THR E 101 28.66 -14.06 -33.04
C THR E 101 27.56 -13.76 -32.04
N ARG E 102 27.01 -14.80 -31.43
CA ARG E 102 25.96 -14.66 -30.42
C ARG E 102 26.45 -14.02 -29.13
N VAL E 103 27.78 -14.06 -28.90
CA VAL E 103 28.39 -13.48 -27.69
C VAL E 103 28.48 -11.98 -27.93
N THR E 104 28.01 -11.21 -26.97
CA THR E 104 28.07 -9.75 -27.15
C THR E 104 29.52 -9.27 -27.04
N GLY E 105 29.98 -8.64 -28.13
CA GLY E 105 31.33 -8.15 -28.23
C GLY E 105 31.97 -8.83 -29.41
N ILE E 106 31.52 -10.04 -29.72
CA ILE E 106 32.01 -10.79 -30.86
C ILE E 106 31.11 -10.55 -32.13
N GLY E 107 31.73 -10.11 -33.20
CA GLY E 107 31.02 -9.86 -34.43
C GLY E 107 31.61 -10.80 -35.45
N PRO E 108 31.30 -10.62 -36.72
CA PRO E 108 31.82 -11.49 -37.79
C PRO E 108 33.33 -11.66 -37.80
N SER E 109 34.10 -10.55 -37.73
CA SER E 109 35.58 -10.64 -37.70
C SER E 109 36.17 -11.52 -36.59
N ALA E 110 35.89 -11.16 -35.34
CA ALA E 110 36.39 -11.88 -34.18
C ALA E 110 35.98 -13.34 -34.20
N ALA E 111 34.77 -13.60 -34.73
CA ALA E 111 34.24 -14.95 -34.82
C ALA E 111 35.06 -15.76 -35.82
N ARG E 112 35.33 -15.16 -36.98
CA ARG E 112 36.16 -15.80 -38.00
C ARG E 112 37.65 -15.88 -37.59
N LYS E 113 38.11 -15.11 -36.61
CA LYS E 113 39.50 -15.21 -36.16
C LYS E 113 39.59 -16.30 -35.11
N LEU E 114 38.62 -16.38 -34.21
CA LEU E 114 38.63 -17.43 -33.20
C LEU E 114 38.50 -18.82 -33.81
N VAL E 115 37.52 -19.01 -34.69
CA VAL E 115 37.31 -20.28 -35.38
C VAL E 115 38.57 -20.60 -36.20
N ASP E 116 39.13 -19.62 -36.90
CA ASP E 116 40.36 -19.81 -37.68
C ASP E 116 41.50 -20.37 -36.81
N GLU E 117 41.42 -20.10 -35.50
CA GLU E 117 42.41 -20.55 -34.51
C GLU E 117 41.96 -21.75 -33.70
N GLY E 118 40.86 -22.40 -34.10
CA GLY E 118 40.40 -23.57 -33.38
C GLY E 118 39.47 -23.38 -32.21
N ILE E 119 39.09 -22.14 -31.92
CA ILE E 119 38.15 -21.82 -30.83
C ILE E 119 36.75 -21.80 -31.47
N LYS E 120 35.85 -22.62 -30.93
CA LYS E 120 34.50 -22.75 -31.51
C LYS E 120 33.39 -22.82 -30.47
N THR E 121 33.72 -23.41 -29.33
CA THR E 121 32.75 -23.62 -28.29
C THR E 121 32.73 -22.54 -27.24
N LEU E 122 31.69 -22.56 -26.43
CA LEU E 122 31.56 -21.62 -25.34
C LEU E 122 32.63 -22.04 -24.35
N GLU E 123 32.87 -23.36 -24.29
CA GLU E 123 33.87 -23.97 -23.42
C GLU E 123 35.31 -23.66 -23.85
N ASP E 124 35.54 -23.66 -25.16
CA ASP E 124 36.87 -23.37 -25.69
C ASP E 124 37.18 -21.95 -25.30
N LEU E 125 36.16 -21.11 -25.46
CA LEU E 125 36.22 -19.69 -25.15
C LEU E 125 36.64 -19.51 -23.69
N ARG E 126 36.12 -20.37 -22.83
CA ARG E 126 36.43 -20.30 -21.42
C ARG E 126 37.85 -20.72 -21.11
N LYS E 127 38.50 -21.33 -22.10
CA LYS E 127 39.88 -21.78 -21.98
C LYS E 127 40.72 -20.80 -22.75
N ASN E 128 40.10 -19.74 -23.25
CA ASN E 128 40.86 -18.75 -24.04
C ASN E 128 40.51 -17.30 -23.85
N GLU E 129 40.10 -16.93 -22.64
CA GLU E 129 39.77 -15.53 -22.36
C GLU E 129 40.89 -14.54 -22.72
N ASP E 130 42.10 -15.07 -22.87
CA ASP E 130 43.25 -14.25 -23.23
C ASP E 130 43.14 -13.72 -24.64
N LYS E 131 42.19 -14.26 -25.39
CA LYS E 131 42.03 -13.82 -26.76
C LYS E 131 40.91 -12.77 -26.79
N LEU E 132 40.09 -12.79 -25.75
CA LEU E 132 38.95 -11.91 -25.59
C LEU E 132 39.22 -10.60 -24.90
N ASN E 133 38.63 -9.52 -25.42
CA ASN E 133 38.77 -8.22 -24.80
C ASN E 133 37.76 -8.21 -23.64
N HIS E 134 37.75 -7.16 -22.87
CA HIS E 134 36.89 -7.09 -21.67
C HIS E 134 35.39 -7.27 -21.95
N HIS E 135 34.90 -6.57 -22.96
CA HIS E 135 33.48 -6.63 -23.35
C HIS E 135 33.08 -8.10 -23.63
N GLN E 136 33.92 -8.76 -24.42
CA GLN E 136 33.68 -10.16 -24.83
C GLN E 136 33.79 -11.14 -23.66
N ARG E 137 34.69 -10.86 -22.70
CA ARG E 137 34.87 -11.73 -21.51
C ARG E 137 33.58 -11.68 -20.67
N ILE E 138 33.06 -10.47 -20.47
CA ILE E 138 31.82 -10.26 -19.74
C ILE E 138 30.65 -10.88 -20.51
N GLY E 139 30.62 -10.65 -21.82
CA GLY E 139 29.57 -11.21 -22.64
C GLY E 139 29.62 -12.73 -22.60
N LEU E 140 30.82 -13.27 -22.42
CA LEU E 140 31.01 -14.71 -22.30
C LEU E 140 30.53 -15.10 -20.92
N LYS E 141 30.88 -14.28 -19.93
CA LYS E 141 30.47 -14.54 -18.57
C LYS E 141 28.95 -14.73 -18.42
N TYR E 142 28.14 -13.78 -18.91
CA TYR E 142 26.65 -13.93 -18.82
C TYR E 142 25.98 -14.28 -20.13
N PHE E 143 26.64 -15.09 -20.94
CA PHE E 143 26.08 -15.49 -22.23
C PHE E 143 24.63 -16.02 -22.09
N GLU E 144 24.43 -16.98 -21.19
CA GLU E 144 23.13 -17.59 -20.97
C GLU E 144 22.06 -16.64 -20.46
N ASP E 145 22.44 -15.79 -19.52
CA ASP E 145 21.51 -14.83 -18.95
C ASP E 145 21.15 -13.79 -19.97
N PHE E 146 22.13 -13.41 -20.78
CA PHE E 146 21.92 -12.40 -21.80
C PHE E 146 20.95 -12.83 -22.89
N GLU E 147 20.70 -14.15 -22.96
CA GLU E 147 19.78 -14.77 -23.91
C GLU E 147 18.34 -14.65 -23.38
N LYS E 148 18.20 -14.78 -22.07
CA LYS E 148 16.92 -14.68 -21.40
C LYS E 148 16.30 -13.31 -21.61
N ARG E 149 15.00 -13.28 -21.90
CA ARG E 149 14.28 -12.02 -22.10
C ARG E 149 13.75 -11.52 -20.75
N ILE E 150 13.61 -10.20 -20.63
CA ILE E 150 13.14 -9.61 -19.38
C ILE E 150 11.64 -9.38 -19.30
N PRO E 151 10.95 -10.01 -18.33
CA PRO E 151 9.50 -9.82 -18.21
C PRO E 151 9.25 -8.36 -17.80
N ARG E 152 8.12 -7.80 -18.26
CA ARG E 152 7.76 -6.42 -17.95
C ARG E 152 7.69 -6.15 -16.46
N GLU E 153 7.43 -7.19 -15.67
CA GLU E 153 7.36 -7.06 -14.21
C GLU E 153 8.76 -6.87 -13.65
N GLU E 154 9.72 -7.62 -14.18
CA GLU E 154 11.13 -7.49 -13.76
C GLU E 154 11.57 -6.07 -14.14
N MET E 155 11.03 -5.56 -15.25
CA MET E 155 11.35 -4.23 -15.78
C MET E 155 10.88 -3.05 -14.93
N LEU E 156 9.65 -3.15 -14.42
CA LEU E 156 9.05 -2.11 -13.61
C LEU E 156 9.77 -1.96 -12.29
N GLN E 157 10.31 -3.07 -11.78
CA GLN E 157 11.07 -3.10 -10.53
C GLN E 157 12.40 -2.40 -10.74
N MET E 158 13.01 -2.70 -11.88
CA MET E 158 14.30 -2.13 -12.27
C MET E 158 14.14 -0.64 -12.49
N GLN E 159 12.98 -0.23 -12.98
CA GLN E 159 12.72 1.17 -13.25
C GLN E 159 12.64 1.97 -11.97
N ASP E 160 11.98 1.42 -10.97
CA ASP E 160 11.87 2.10 -9.68
C ASP E 160 13.24 2.29 -9.10
N ILE E 161 14.06 1.25 -9.20
CA ILE E 161 15.42 1.34 -8.67
C ILE E 161 16.20 2.44 -9.35
N VAL E 162 16.01 2.60 -10.64
CA VAL E 162 16.75 3.62 -11.38
C VAL E 162 16.27 5.03 -11.05
N LEU E 163 14.97 5.27 -11.21
CA LEU E 163 14.37 6.57 -10.94
C LEU E 163 14.58 7.06 -9.51
N ASN E 164 14.36 6.15 -8.56
CA ASN E 164 14.54 6.45 -7.14
C ASN E 164 15.98 6.86 -6.78
N GLU E 165 16.96 6.05 -7.19
CA GLU E 165 18.35 6.37 -6.92
C GLU E 165 18.77 7.65 -7.63
N VAL E 166 18.29 7.81 -8.86
CA VAL E 166 18.61 8.98 -9.68
C VAL E 166 18.27 10.32 -9.01
N LYS E 167 17.13 10.40 -8.35
CA LYS E 167 16.76 11.63 -7.66
C LYS E 167 17.53 11.81 -6.35
N LYS E 168 17.71 10.70 -5.60
CA LYS E 168 18.46 10.74 -4.34
C LYS E 168 19.80 11.46 -4.55
N LEU E 169 20.41 11.22 -5.69
CA LEU E 169 21.66 11.86 -6.00
C LEU E 169 21.40 13.34 -6.31
N ASP E 170 20.51 13.60 -7.26
CA ASP E 170 20.20 14.97 -7.67
C ASP E 170 18.79 14.96 -8.24
N PRO E 171 17.85 15.58 -7.54
CA PRO E 171 16.45 15.64 -8.00
C PRO E 171 16.26 16.31 -9.35
N GLU E 172 17.27 17.02 -9.84
CA GLU E 172 17.18 17.68 -11.15
C GLU E 172 17.43 16.70 -12.30
N TYR E 173 17.67 15.43 -11.95
CA TYR E 173 17.91 14.35 -12.91
C TYR E 173 16.59 13.73 -13.37
N ILE E 174 16.43 13.57 -14.69
CA ILE E 174 15.22 12.96 -15.28
C ILE E 174 15.59 11.71 -16.09
N ALA E 175 15.11 10.56 -15.61
CA ALA E 175 15.37 9.28 -16.24
C ALA E 175 14.12 8.63 -16.86
N THR E 176 14.23 8.20 -18.12
CA THR E 176 13.10 7.56 -18.81
C THR E 176 13.50 6.23 -19.47
N VAL E 177 12.85 5.13 -19.11
CA VAL E 177 13.20 3.89 -19.77
C VAL E 177 12.44 3.77 -21.08
N CYS E 178 13.21 3.83 -22.16
CA CYS E 178 12.70 3.73 -23.51
C CYS E 178 12.72 2.29 -24.06
N GLY E 179 13.20 2.13 -25.29
CA GLY E 179 13.35 0.80 -25.84
C GLY E 179 11.97 0.24 -26.08
N SER E 180 11.82 -1.07 -25.85
CA SER E 180 10.55 -1.73 -26.06
C SER E 180 9.56 -1.55 -24.91
N PHE E 181 10.01 -0.90 -23.84
CA PHE E 181 9.19 -0.65 -22.66
C PHE E 181 8.23 0.48 -22.98
N ARG E 182 8.75 1.62 -23.41
CA ARG E 182 7.94 2.79 -23.75
C ARG E 182 7.03 2.49 -24.93
N ARG E 183 7.27 1.35 -25.60
CA ARG E 183 6.47 0.93 -26.76
C ARG E 183 5.36 -0.03 -26.39
N GLY E 184 5.24 -0.32 -25.11
CA GLY E 184 4.21 -1.22 -24.64
C GLY E 184 4.44 -2.69 -24.95
N ALA E 185 5.51 -3.26 -24.40
CA ALA E 185 5.83 -4.67 -24.62
C ALA E 185 5.80 -5.42 -23.29
N GLU E 186 5.49 -6.71 -23.36
CA GLU E 186 5.39 -7.56 -22.18
C GLU E 186 6.74 -8.08 -21.70
N SER E 187 7.73 -8.02 -22.59
CA SER E 187 9.09 -8.47 -22.29
C SER E 187 10.06 -7.71 -23.18
N SER E 188 11.25 -7.44 -22.64
CA SER E 188 12.25 -6.72 -23.40
C SER E 188 13.60 -7.41 -23.34
N GLY E 189 14.42 -7.15 -24.34
CA GLY E 189 15.76 -7.73 -24.40
C GLY E 189 16.71 -7.14 -23.39
N ASP E 190 16.54 -5.84 -23.12
CA ASP E 190 17.38 -5.14 -22.15
C ASP E 190 16.70 -3.86 -21.69
N MET E 191 17.38 -3.11 -20.83
CA MET E 191 16.84 -1.88 -20.32
C MET E 191 17.57 -0.70 -20.93
N ASP E 192 16.82 0.13 -21.62
CA ASP E 192 17.34 1.30 -22.30
C ASP E 192 16.80 2.52 -21.55
N VAL E 193 17.69 3.31 -20.95
CA VAL E 193 17.27 4.48 -20.18
C VAL E 193 17.84 5.82 -20.61
N LEU E 194 16.96 6.70 -21.08
CA LEU E 194 17.35 8.05 -21.51
C LEU E 194 17.56 8.91 -20.25
N LEU E 195 18.66 9.64 -20.22
CA LEU E 195 18.97 10.46 -19.06
C LEU E 195 19.19 11.90 -19.46
N THR E 196 18.69 12.82 -18.64
CA THR E 196 18.82 14.26 -18.87
C THR E 196 19.03 15.00 -17.53
N HIS E 197 19.71 16.13 -17.61
CA HIS E 197 19.98 16.97 -16.45
C HIS E 197 20.22 18.36 -17.01
N PRO E 198 19.63 19.40 -16.39
CA PRO E 198 19.78 20.78 -16.86
C PRO E 198 21.22 21.30 -17.01
N ASN E 199 22.18 20.65 -16.35
CA ASN E 199 23.59 21.06 -16.46
C ASN E 199 24.16 20.69 -17.83
N PHE E 200 23.64 19.62 -18.43
CA PHE E 200 24.06 19.17 -19.77
C PHE E 200 23.10 19.82 -20.77
N THR E 201 23.64 20.65 -21.65
CA THR E 201 22.85 21.37 -22.64
C THR E 201 23.66 21.57 -23.90
N SER E 202 23.00 21.78 -25.04
CA SER E 202 23.71 22.01 -26.29
C SER E 202 24.65 23.22 -26.24
N GLU E 203 24.23 24.30 -25.56
CA GLU E 203 25.05 25.49 -25.46
C GLU E 203 26.01 25.54 -24.25
N SER E 204 26.34 24.36 -23.72
CA SER E 204 27.25 24.27 -22.58
C SER E 204 28.55 23.56 -23.00
N SER E 205 29.56 23.66 -22.14
CA SER E 205 30.86 23.03 -22.41
C SER E 205 30.87 21.54 -22.00
N LYS E 206 29.86 20.82 -22.49
CA LYS E 206 29.69 19.36 -22.25
C LYS E 206 29.70 19.04 -20.74
N GLN E 207 29.76 17.76 -20.42
CA GLN E 207 29.70 17.32 -18.99
C GLN E 207 29.69 15.81 -18.83
N PRO E 208 30.89 15.21 -18.70
CA PRO E 208 31.07 13.76 -18.54
C PRO E 208 30.69 13.24 -17.16
N LYS E 209 30.96 14.07 -16.14
CA LYS E 209 30.69 13.72 -14.75
C LYS E 209 29.20 13.44 -14.47
N LEU E 210 28.31 13.96 -15.33
CA LEU E 210 26.88 13.75 -15.15
C LEU E 210 26.39 12.30 -15.30
N LEU E 211 27.01 11.53 -16.19
CA LEU E 211 26.60 10.13 -16.35
C LEU E 211 27.35 9.24 -15.38
N HIS E 212 28.63 9.55 -15.16
CA HIS E 212 29.44 8.76 -14.25
C HIS E 212 28.78 8.69 -12.87
N ARG E 213 28.35 9.85 -12.35
CA ARG E 213 27.70 9.91 -11.04
C ARG E 213 26.55 8.91 -10.87
N VAL E 214 25.65 8.88 -11.85
CA VAL E 214 24.51 7.96 -11.82
C VAL E 214 24.99 6.51 -11.87
N VAL E 215 25.91 6.24 -12.78
CA VAL E 215 26.46 4.89 -12.93
C VAL E 215 27.13 4.43 -11.62
N GLU E 216 28.03 5.25 -11.07
CA GLU E 216 28.70 4.90 -9.82
C GLU E 216 27.68 4.70 -8.69
N GLN E 217 26.65 5.55 -8.70
CA GLN E 217 25.60 5.46 -7.72
C GLN E 217 24.89 4.10 -7.79
N LEU E 218 24.38 3.74 -8.96
CA LEU E 218 23.68 2.47 -9.15
C LEU E 218 24.63 1.30 -8.92
N GLN E 219 25.93 1.56 -9.11
CA GLN E 219 26.97 0.55 -8.92
C GLN E 219 27.11 0.21 -7.45
N LYS E 220 26.96 1.25 -6.62
CA LYS E 220 27.07 1.17 -5.17
C LYS E 220 25.94 0.45 -4.47
N VAL E 221 24.75 0.47 -5.07
CA VAL E 221 23.59 -0.22 -4.51
C VAL E 221 23.63 -1.65 -5.03
N ARG E 222 24.76 -2.01 -5.64
CA ARG E 222 24.96 -3.32 -6.22
C ARG E 222 23.94 -3.57 -7.38
N PHE E 223 23.57 -2.50 -8.09
CA PHE E 223 22.63 -2.63 -9.22
C PHE E 223 23.41 -2.88 -10.51
N ILE E 224 24.26 -1.94 -10.89
CA ILE E 224 25.12 -2.07 -12.07
C ILE E 224 26.29 -2.96 -11.59
N THR E 225 26.46 -4.12 -12.23
CA THR E 225 27.51 -5.05 -11.83
C THR E 225 28.77 -4.98 -12.71
N ASP E 226 28.57 -4.91 -14.02
CA ASP E 226 29.71 -4.84 -14.93
C ASP E 226 29.58 -3.71 -15.92
N THR E 227 30.67 -3.43 -16.60
CA THR E 227 30.73 -2.36 -17.57
C THR E 227 31.37 -2.94 -18.81
N LEU E 228 30.69 -2.78 -19.95
CA LEU E 228 31.19 -3.24 -21.24
C LEU E 228 31.91 -2.04 -21.84
N SER E 229 31.22 -0.89 -21.81
CA SER E 229 31.73 0.36 -22.34
C SER E 229 31.13 1.53 -21.52
N LYS E 230 31.83 2.67 -21.49
CA LYS E 230 31.42 3.84 -20.72
C LYS E 230 32.05 5.11 -21.25
N GLY E 231 31.28 6.20 -21.26
CA GLY E 231 31.80 7.46 -21.75
C GLY E 231 30.95 8.65 -21.34
N GLU E 232 31.21 9.80 -21.96
CA GLU E 232 30.46 11.02 -21.66
C GLU E 232 28.94 10.80 -21.74
N THR E 233 28.46 10.39 -22.92
CA THR E 233 27.03 10.20 -23.13
C THR E 233 26.50 8.79 -23.12
N LYS E 234 27.37 7.80 -23.20
CA LYS E 234 26.85 6.46 -23.24
C LYS E 234 27.41 5.42 -22.27
N PHE E 235 26.51 4.65 -21.67
CA PHE E 235 26.94 3.57 -20.79
C PHE E 235 26.28 2.31 -21.32
N MET E 236 27.03 1.23 -21.25
CA MET E 236 26.63 -0.07 -21.74
C MET E 236 27.21 -0.99 -20.69
N GLY E 237 26.35 -1.63 -19.92
CA GLY E 237 26.82 -2.49 -18.87
C GLY E 237 25.82 -3.55 -18.45
N VAL E 238 25.91 -4.00 -17.20
CA VAL E 238 25.06 -5.08 -16.70
C VAL E 238 24.50 -4.66 -15.34
N CYS E 239 23.28 -5.11 -15.05
CA CYS E 239 22.59 -4.77 -13.82
C CYS E 239 21.88 -6.00 -13.30
N GLN E 240 21.38 -5.94 -12.06
CA GLN E 240 20.70 -7.07 -11.48
C GLN E 240 19.78 -6.70 -10.32
N LEU E 241 18.68 -7.44 -10.16
CA LEU E 241 17.71 -7.20 -9.08
C LEU E 241 18.05 -8.03 -7.83
N PRO E 242 17.68 -7.52 -6.62
CA PRO E 242 17.92 -8.12 -5.29
C PRO E 242 17.27 -9.47 -4.96
N SER E 243 17.94 -10.20 -4.06
CA SER E 243 17.52 -11.51 -3.56
C SER E 243 18.33 -11.66 -2.26
N GLU E 244 17.76 -12.29 -1.23
CA GLU E 244 18.46 -12.43 0.06
C GLU E 244 19.15 -13.78 0.29
N ASN E 245 18.40 -14.83 0.57
CA ASN E 245 18.96 -16.18 0.71
C ASN E 245 18.09 -17.03 -0.20
N ASP E 246 18.38 -16.96 -1.49
CA ASP E 246 17.60 -17.71 -2.45
C ASP E 246 18.46 -18.13 -3.61
N GLU E 247 18.11 -19.30 -4.15
CA GLU E 247 18.81 -19.84 -5.30
C GLU E 247 18.16 -19.20 -6.51
N ASN E 248 18.92 -19.14 -7.60
CA ASN E 248 18.47 -18.57 -8.85
C ASN E 248 18.11 -17.10 -8.65
N GLU E 249 19.11 -16.36 -8.20
CA GLU E 249 19.01 -14.91 -8.05
C GLU E 249 18.57 -14.39 -9.40
N TYR E 250 18.18 -13.15 -9.48
CA TYR E 250 17.72 -12.61 -10.75
C TYR E 250 18.85 -12.67 -11.80
N PRO E 251 18.55 -13.17 -13.01
CA PRO E 251 19.56 -13.26 -14.07
C PRO E 251 20.17 -11.89 -14.33
N HIS E 252 21.44 -11.86 -14.73
CA HIS E 252 22.09 -10.59 -15.00
C HIS E 252 21.55 -10.08 -16.33
N ARG E 253 21.23 -8.80 -16.32
CA ARG E 253 20.63 -8.12 -17.44
C ARG E 253 21.53 -7.09 -18.10
N ARG E 254 21.24 -6.81 -19.37
CA ARG E 254 21.99 -5.84 -20.12
C ARG E 254 21.32 -4.47 -19.94
N ILE E 255 22.13 -3.43 -19.75
CA ILE E 255 21.54 -2.10 -19.55
C ILE E 255 22.30 -1.02 -20.30
N ASP E 256 21.56 -0.28 -21.12
CA ASP E 256 22.13 0.82 -21.91
C ASP E 256 21.59 2.14 -21.35
N ILE E 257 22.48 3.08 -21.07
CA ILE E 257 22.07 4.37 -20.54
C ILE E 257 22.65 5.42 -21.43
N ARG E 258 21.86 6.45 -21.70
CA ARG E 258 22.31 7.48 -22.59
C ARG E 258 21.96 8.87 -22.10
N LEU E 259 22.95 9.75 -22.06
CA LEU E 259 22.78 11.13 -21.63
C LEU E 259 22.61 12.03 -22.84
N ILE E 260 21.42 12.60 -23.01
CA ILE E 260 21.13 13.49 -24.14
C ILE E 260 21.01 14.90 -23.61
N PRO E 261 21.27 15.91 -24.44
CA PRO E 261 21.14 17.27 -23.90
C PRO E 261 19.72 17.59 -23.47
N LYS E 262 19.59 18.43 -22.45
CA LYS E 262 18.29 18.84 -21.93
C LYS E 262 17.36 19.36 -23.02
N ASP E 263 17.88 20.30 -23.82
CA ASP E 263 17.10 20.90 -24.90
C ASP E 263 16.97 20.05 -26.18
N GLN E 264 17.23 18.75 -26.07
CA GLN E 264 17.10 17.81 -27.20
C GLN E 264 16.50 16.47 -26.76
N TYR E 265 15.83 16.50 -25.63
CA TYR E 265 15.19 15.30 -25.04
C TYR E 265 14.26 14.59 -26.05
N TYR E 266 13.59 15.38 -26.87
CA TYR E 266 12.59 14.83 -27.81
C TYR E 266 13.22 13.94 -28.88
N CYS E 267 14.24 14.43 -29.56
CA CYS E 267 14.94 13.61 -30.56
C CYS E 267 15.50 12.37 -29.84
N GLY E 268 15.87 12.54 -28.57
CA GLY E 268 16.40 11.43 -27.79
C GLY E 268 15.42 10.31 -27.51
N VAL E 269 14.19 10.66 -27.16
CA VAL E 269 13.17 9.63 -26.91
C VAL E 269 12.73 9.01 -28.22
N LEU E 270 12.74 9.80 -29.29
CA LEU E 270 12.33 9.28 -30.59
C LEU E 270 13.25 8.15 -31.01
N TYR E 271 14.57 8.41 -30.91
CA TYR E 271 15.66 7.46 -31.23
C TYR E 271 15.77 6.26 -30.29
N PHE E 272 15.79 6.53 -29.00
CA PHE E 272 15.95 5.44 -28.03
C PHE E 272 14.64 4.68 -27.79
N THR E 273 13.60 5.04 -28.53
CA THR E 273 12.30 4.35 -28.35
C THR E 273 11.95 3.49 -29.54
N GLY E 274 11.46 4.24 -30.56
CA GLY E 274 11.01 3.79 -31.85
C GLY E 274 11.15 2.29 -31.99
N SER E 275 12.22 1.88 -32.66
CA SER E 275 12.56 0.53 -33.09
C SER E 275 13.71 0.67 -34.09
N ASP E 276 14.71 -0.19 -34.04
CA ASP E 276 15.82 -0.01 -34.98
C ASP E 276 15.28 0.10 -36.41
N ILE E 277 14.22 -0.65 -36.68
CA ILE E 277 13.55 -0.68 -38.01
C ILE E 277 12.76 0.61 -38.23
N PHE E 278 11.90 0.94 -37.26
CA PHE E 278 11.11 2.16 -37.35
C PHE E 278 11.98 3.38 -37.59
N ASN E 279 13.05 3.52 -36.81
CA ASN E 279 13.95 4.69 -36.91
C ASN E 279 14.58 4.77 -38.30
N LYS E 280 14.94 3.61 -38.83
CA LYS E 280 15.56 3.52 -40.15
C LYS E 280 14.59 4.06 -41.21
N ASN E 281 13.37 3.53 -41.18
CA ASN E 281 12.31 3.94 -42.10
C ASN E 281 12.01 5.42 -41.97
N MET E 282 12.06 5.92 -40.73
CA MET E 282 11.79 7.33 -40.44
C MET E 282 12.92 8.27 -40.90
N ARG E 283 14.17 7.91 -40.63
CA ARG E 283 15.30 8.75 -41.05
C ARG E 283 15.46 8.73 -42.58
N ALA E 284 14.79 7.76 -43.21
CA ALA E 284 14.78 7.65 -44.67
C ALA E 284 13.79 8.72 -45.20
N HIS E 285 12.58 8.77 -44.62
CA HIS E 285 11.57 9.78 -44.98
C HIS E 285 12.22 11.14 -44.85
N ALA E 286 12.66 11.45 -43.62
CA ALA E 286 13.33 12.70 -43.31
C ALA E 286 14.18 13.23 -44.48
N LEU E 287 15.02 12.37 -45.05
CA LEU E 287 15.89 12.73 -46.17
C LEU E 287 15.07 13.03 -47.43
N GLU E 288 14.01 12.25 -47.63
CA GLU E 288 13.10 12.41 -48.76
C GLU E 288 12.54 13.83 -48.75
N LYS E 289 12.00 14.22 -47.60
CA LYS E 289 11.43 15.56 -47.43
C LYS E 289 12.48 16.67 -47.39
N GLY E 290 13.74 16.30 -47.14
CA GLY E 290 14.82 17.27 -47.08
C GLY E 290 15.18 17.69 -45.67
N PHE E 291 15.25 16.72 -44.77
CA PHE E 291 15.59 16.94 -43.35
C PHE E 291 16.50 15.81 -42.85
N THR E 292 17.14 16.03 -41.70
CA THR E 292 18.07 15.02 -41.14
C THR E 292 17.77 14.71 -39.69
N ILE E 293 16.93 13.68 -39.46
CA ILE E 293 16.58 13.27 -38.10
C ILE E 293 17.74 12.59 -37.39
N ASN E 294 17.92 12.98 -36.13
CA ASN E 294 19.01 12.49 -35.29
C ASN E 294 18.47 12.12 -33.91
N GLU E 295 19.38 11.75 -33.03
CA GLU E 295 19.03 11.49 -31.64
C GLU E 295 19.20 12.81 -30.90
N TYR E 296 19.78 13.75 -31.63
CA TYR E 296 20.03 15.11 -31.14
C TYR E 296 19.12 16.13 -31.83
N THR E 297 19.26 16.24 -33.15
CA THR E 297 18.51 17.27 -33.86
C THR E 297 17.79 16.86 -35.14
N ILE E 298 17.05 17.82 -35.67
CA ILE E 298 16.29 17.68 -36.90
C ILE E 298 16.69 18.88 -37.77
N ARG E 299 17.94 18.91 -38.18
CA ARG E 299 18.43 20.01 -39.04
C ARG E 299 17.96 19.65 -40.46
N PRO E 300 17.71 20.67 -41.31
CA PRO E 300 17.24 20.41 -42.68
C PRO E 300 18.35 20.30 -43.73
N LEU E 301 18.07 19.51 -44.77
CA LEU E 301 19.01 19.32 -45.88
C LEU E 301 19.05 20.57 -46.75
N GLY E 302 20.25 21.09 -46.94
CA GLY E 302 20.42 22.28 -47.74
C GLY E 302 20.64 21.98 -49.20
N VAL E 303 21.77 22.46 -49.69
CA VAL E 303 22.20 22.36 -51.09
C VAL E 303 22.34 20.93 -51.67
N THR E 304 23.43 20.67 -52.38
CA THR E 304 23.67 19.36 -52.98
C THR E 304 24.18 18.34 -51.96
N GLY E 305 24.56 18.83 -50.76
CA GLY E 305 25.02 17.92 -49.73
C GLY E 305 25.33 18.55 -48.35
N VAL E 306 24.52 19.48 -47.86
CA VAL E 306 24.80 20.08 -46.53
C VAL E 306 23.53 20.44 -45.72
N ALA E 307 23.55 19.98 -44.47
CA ALA E 307 22.48 20.24 -43.46
C ALA E 307 22.94 21.42 -42.57
N GLY E 308 21.99 22.28 -42.22
CA GLY E 308 22.28 23.54 -41.45
C GLY E 308 21.88 23.48 -39.96
N GLU E 309 21.24 24.58 -39.53
CA GLU E 309 20.77 24.82 -38.13
C GLU E 309 19.50 24.02 -37.82
N PRO E 310 19.42 23.38 -36.64
CA PRO E 310 18.32 22.51 -36.21
C PRO E 310 17.03 23.29 -35.98
N LEU E 311 15.91 22.70 -36.45
CA LEU E 311 14.55 23.25 -36.22
C LEU E 311 14.22 23.03 -34.75
N PRO E 312 13.38 23.90 -34.17
CA PRO E 312 13.01 23.74 -32.76
C PRO E 312 11.82 22.80 -32.60
N VAL E 313 11.94 21.88 -31.66
CA VAL E 313 10.87 20.92 -31.41
C VAL E 313 10.45 21.05 -29.95
N ASP E 314 9.21 20.69 -29.65
CA ASP E 314 8.72 20.76 -28.28
C ASP E 314 7.86 19.57 -27.94
N SER E 315 8.06 18.50 -28.72
CA SER E 315 7.37 17.22 -28.55
C SER E 315 7.82 16.30 -29.70
N GLU E 316 7.57 15.00 -29.55
CA GLU E 316 7.93 14.04 -30.59
C GLU E 316 7.04 14.35 -31.77
N GLN E 317 5.78 14.67 -31.43
CA GLN E 317 4.73 15.07 -32.35
C GLN E 317 5.34 16.13 -33.28
N ASP E 318 6.01 17.12 -32.67
CA ASP E 318 6.67 18.18 -33.41
C ASP E 318 7.64 17.68 -34.49
N ILE E 319 8.35 16.60 -34.20
CA ILE E 319 9.33 16.06 -35.16
C ILE E 319 8.63 15.46 -36.39
N PHE E 320 7.62 14.65 -36.13
CA PHE E 320 6.85 13.99 -37.20
C PHE E 320 6.23 15.01 -38.17
N ASP E 321 5.58 16.01 -37.60
CA ASP E 321 4.90 17.05 -38.38
C ASP E 321 5.86 17.72 -39.38
N TYR E 322 7.14 17.76 -39.02
CA TYR E 322 8.17 18.36 -39.90
C TYR E 322 8.31 17.53 -41.18
N ILE E 323 8.17 16.22 -41.07
CA ILE E 323 8.27 15.34 -42.24
C ILE E 323 6.89 14.85 -42.68
N GLN E 324 5.87 15.48 -42.11
CA GLN E 324 4.46 15.21 -42.38
C GLN E 324 4.02 13.76 -42.17
N TRP E 325 3.80 13.39 -40.92
CA TRP E 325 3.39 12.03 -40.59
C TRP E 325 2.35 11.94 -39.50
N ARG E 326 1.56 10.87 -39.57
CA ARG E 326 0.53 10.62 -38.57
C ARG E 326 1.30 10.21 -37.32
N TYR E 327 1.25 11.06 -36.28
CA TYR E 327 1.97 10.78 -35.04
C TYR E 327 1.83 9.30 -34.70
N ARG E 328 2.97 8.62 -34.76
CA ARG E 328 3.06 7.20 -34.47
C ARG E 328 3.24 7.01 -32.97
N GLU E 329 2.15 6.66 -32.28
CA GLU E 329 2.20 6.44 -30.84
C GLU E 329 3.16 5.29 -30.58
N PRO E 330 4.18 5.50 -29.72
CA PRO E 330 5.20 4.50 -29.38
C PRO E 330 4.84 3.02 -29.56
N LYS E 331 3.69 2.60 -29.06
CA LYS E 331 3.24 1.20 -29.16
C LYS E 331 3.00 0.70 -30.60
N ASP E 332 3.01 1.64 -31.53
CA ASP E 332 2.80 1.40 -32.97
C ASP E 332 4.11 1.33 -33.76
N ARG E 333 5.18 1.82 -33.14
CA ARG E 333 6.51 1.90 -33.76
C ARG E 333 7.32 0.60 -33.92
N SER E 334 6.65 -0.49 -34.25
CA SER E 334 7.33 -1.78 -34.45
C SER E 334 7.51 -2.11 -35.93
N THR F 10 -34.72 -10.64 17.93
CA THR F 10 -33.60 -10.39 16.98
C THR F 10 -33.94 -10.87 15.56
N LEU F 11 -34.00 -9.93 14.63
CA LEU F 11 -34.34 -10.23 13.25
C LEU F 11 -33.12 -10.17 12.34
N ASN F 12 -32.22 -9.24 12.60
CA ASN F 12 -31.00 -9.13 11.78
C ASN F 12 -29.77 -9.12 12.69
N GLY F 13 -29.76 -10.03 13.68
CA GLY F 13 -28.66 -10.17 14.63
C GLY F 13 -27.29 -10.41 14.02
N GLY F 14 -27.22 -11.28 13.01
CA GLY F 14 -25.92 -11.51 12.40
C GLY F 14 -25.35 -10.27 11.70
N ILE F 15 -26.19 -9.38 11.19
CA ILE F 15 -25.70 -8.19 10.50
C ILE F 15 -25.13 -7.24 11.53
N THR F 16 -25.93 -7.01 12.59
CA THR F 16 -25.53 -6.14 13.66
C THR F 16 -24.22 -6.63 14.29
N ASP F 17 -24.22 -7.82 14.88
CA ASP F 17 -22.99 -8.37 15.46
C ASP F 17 -21.80 -8.10 14.57
N MET F 18 -21.93 -8.41 13.29
CA MET F 18 -20.86 -8.14 12.35
C MET F 18 -20.36 -6.69 12.42
N LEU F 19 -21.30 -5.73 12.46
CA LEU F 19 -20.96 -4.31 12.49
C LEU F 19 -20.39 -3.85 13.81
N VAL F 20 -20.76 -4.52 14.88
CA VAL F 20 -20.24 -4.19 16.19
C VAL F 20 -18.74 -4.57 16.26
N GLU F 21 -18.43 -5.72 15.67
CA GLU F 21 -17.10 -6.27 15.59
C GLU F 21 -16.26 -5.41 14.69
N LEU F 22 -16.87 -4.78 13.69
CA LEU F 22 -16.12 -3.91 12.81
C LEU F 22 -15.94 -2.58 13.49
N ALA F 23 -16.84 -2.24 14.37
CA ALA F 23 -16.74 -0.98 15.08
C ALA F 23 -15.51 -1.08 16.03
N ASN F 24 -15.50 -2.14 16.83
CA ASN F 24 -14.41 -2.44 17.75
C ASN F 24 -13.03 -2.37 17.07
N PHE F 25 -12.94 -2.92 15.87
CA PHE F 25 -11.67 -2.96 15.13
C PHE F 25 -11.19 -1.55 14.74
N GLU F 26 -12.14 -0.72 14.33
CA GLU F 26 -11.82 0.66 13.87
C GLU F 26 -11.43 1.55 15.04
N LYS F 27 -11.93 1.20 16.22
CA LYS F 27 -11.65 1.95 17.41
C LYS F 27 -10.31 1.48 17.92
N ASN F 28 -10.34 0.32 18.55
CA ASN F 28 -9.18 -0.35 19.13
C ASN F 28 -7.95 -0.50 18.22
N VAL F 29 -8.14 -0.86 16.95
CA VAL F 29 -6.99 -1.08 16.05
C VAL F 29 -6.61 0.01 15.09
N SER F 30 -7.49 0.39 14.18
CA SER F 30 -7.08 1.44 13.24
C SER F 30 -7.26 2.88 13.82
N GLN F 31 -7.90 2.96 14.98
CA GLN F 31 -8.12 4.21 15.67
C GLN F 31 -8.96 5.24 14.91
N ALA F 32 -9.72 4.76 13.93
CA ALA F 32 -10.60 5.60 13.11
C ALA F 32 -11.94 5.79 13.83
N ILE F 33 -12.08 6.93 14.51
CA ILE F 33 -13.29 7.25 15.31
C ILE F 33 -14.61 7.34 14.55
N HIS F 34 -14.60 7.99 13.39
CA HIS F 34 -15.80 8.15 12.58
C HIS F 34 -16.28 6.80 12.01
N LYS F 35 -15.35 5.94 11.57
CA LYS F 35 -15.74 4.62 11.09
C LYS F 35 -16.43 3.87 12.26
N TYR F 36 -15.83 3.99 13.45
CA TYR F 36 -16.36 3.33 14.67
C TYR F 36 -17.78 3.86 14.98
N ASN F 37 -17.98 5.15 14.77
CA ASN F 37 -19.30 5.79 15.03
C ASN F 37 -20.33 5.33 13.99
N ALA F 38 -19.96 5.42 12.70
CA ALA F 38 -20.83 4.97 11.64
C ALA F 38 -21.29 3.53 11.90
N TYR F 39 -20.35 2.60 12.08
CA TYR F 39 -20.69 1.22 12.36
C TYR F 39 -21.66 1.07 13.50
N ARG F 40 -21.41 1.80 14.57
CA ARG F 40 -22.24 1.76 15.76
C ARG F 40 -23.65 2.28 15.49
N LYS F 41 -23.75 3.41 14.80
CA LYS F 41 -25.05 4.02 14.50
C LYS F 41 -25.89 3.04 13.67
N ALA F 42 -25.34 2.61 12.55
CA ALA F 42 -25.99 1.63 11.69
C ALA F 42 -26.46 0.38 12.44
N ALA F 43 -25.64 -0.21 13.31
CA ALA F 43 -26.08 -1.41 14.01
C ALA F 43 -27.30 -1.13 14.89
N SER F 44 -27.38 0.08 15.42
CA SER F 44 -28.49 0.48 16.28
C SER F 44 -29.72 0.73 15.41
N VAL F 45 -29.53 1.39 14.27
CA VAL F 45 -30.63 1.65 13.36
C VAL F 45 -31.23 0.34 12.79
N ILE F 46 -30.37 -0.60 12.40
CA ILE F 46 -30.81 -1.88 11.84
C ILE F 46 -31.53 -2.77 12.87
N ALA F 47 -31.03 -2.74 14.10
CA ALA F 47 -31.58 -3.49 15.22
C ALA F 47 -33.01 -3.04 15.52
N LYS F 48 -33.35 -1.82 15.13
CA LYS F 48 -34.68 -1.28 15.31
C LYS F 48 -35.56 -1.44 14.05
N TYR F 49 -34.95 -1.96 12.99
CA TYR F 49 -35.62 -2.18 11.69
C TYR F 49 -36.52 -3.46 11.80
N PRO F 50 -37.84 -3.30 11.62
CA PRO F 50 -38.84 -4.37 11.75
C PRO F 50 -38.76 -5.54 10.76
N HIS F 51 -38.06 -5.39 9.65
CA HIS F 51 -38.01 -6.47 8.61
C HIS F 51 -36.66 -7.19 8.51
N LYS F 52 -36.73 -8.46 8.10
CA LYS F 52 -35.54 -9.29 7.85
C LYS F 52 -34.89 -8.77 6.57
N ILE F 53 -33.75 -8.10 6.70
CA ILE F 53 -33.02 -7.56 5.54
C ILE F 53 -32.54 -8.64 4.54
N LYS F 54 -32.85 -8.46 3.25
CA LYS F 54 -32.45 -9.43 2.20
C LYS F 54 -31.36 -8.91 1.24
N SER F 55 -30.95 -7.68 1.40
CA SER F 55 -29.91 -7.17 0.53
C SER F 55 -29.28 -5.99 1.17
N GLY F 56 -28.14 -5.56 0.64
CA GLY F 56 -27.48 -4.39 1.17
C GLY F 56 -28.15 -3.13 0.63
N ALA F 57 -28.87 -3.30 -0.47
CA ALA F 57 -29.60 -2.23 -1.13
C ALA F 57 -30.81 -1.87 -0.29
N GLU F 58 -31.42 -2.88 0.31
CA GLU F 58 -32.54 -2.62 1.18
C GLU F 58 -32.03 -1.86 2.41
N ALA F 59 -30.92 -2.35 2.99
CA ALA F 59 -30.34 -1.75 4.20
C ALA F 59 -29.94 -0.28 3.99
N LYS F 60 -29.41 -0.01 2.81
CA LYS F 60 -28.96 1.31 2.42
C LYS F 60 -30.02 2.39 2.52
N LYS F 61 -31.28 2.03 2.34
CA LYS F 61 -32.33 3.04 2.41
C LYS F 61 -32.43 3.61 3.82
N LEU F 62 -31.84 2.92 4.79
CA LEU F 62 -31.86 3.31 6.18
C LEU F 62 -30.86 4.43 6.48
N PRO F 63 -31.22 5.32 7.41
CA PRO F 63 -30.32 6.42 7.76
C PRO F 63 -29.13 5.88 8.57
N GLY F 64 -27.93 6.25 8.15
CA GLY F 64 -26.78 5.74 8.86
C GLY F 64 -26.09 4.62 8.07
N VAL F 65 -26.78 3.95 7.15
CA VAL F 65 -26.10 2.94 6.35
C VAL F 65 -25.96 3.40 4.91
N GLY F 66 -24.71 3.46 4.46
CA GLY F 66 -24.39 3.95 3.13
C GLY F 66 -23.75 2.85 2.35
N THR F 67 -23.03 3.25 1.31
CA THR F 67 -22.40 2.31 0.43
C THR F 67 -21.41 1.33 1.01
N LYS F 68 -20.47 1.78 1.83
CA LYS F 68 -19.46 0.84 2.40
C LYS F 68 -20.09 -0.13 3.34
N ILE F 69 -21.12 0.29 4.06
CA ILE F 69 -21.76 -0.65 4.99
C ILE F 69 -22.68 -1.60 4.21
N ALA F 70 -23.27 -1.14 3.11
CA ALA F 70 -24.20 -1.94 2.30
C ALA F 70 -23.47 -3.04 1.54
N GLU F 71 -22.36 -2.66 0.94
CA GLU F 71 -21.47 -3.60 0.26
C GLU F 71 -21.14 -4.78 1.23
N LYS F 72 -20.72 -4.45 2.45
CA LYS F 72 -20.42 -5.47 3.45
C LYS F 72 -21.65 -6.32 3.78
N ILE F 73 -22.83 -5.70 3.91
CA ILE F 73 -24.06 -6.47 4.20
C ILE F 73 -24.41 -7.39 3.02
N ASP F 74 -24.13 -6.95 1.80
CA ASP F 74 -24.36 -7.78 0.64
C ASP F 74 -23.54 -9.02 0.77
N GLU F 75 -22.23 -8.83 0.78
CA GLU F 75 -21.29 -9.92 0.92
C GLU F 75 -21.58 -10.86 2.07
N PHE F 76 -22.03 -10.33 3.19
CA PHE F 76 -22.31 -11.18 4.36
C PHE F 76 -23.52 -12.10 4.08
N LEU F 77 -24.55 -11.54 3.46
CA LEU F 77 -25.79 -12.27 3.12
C LEU F 77 -25.55 -13.35 2.04
N ALA F 78 -24.90 -12.92 0.97
CA ALA F 78 -24.57 -13.78 -0.15
C ALA F 78 -23.77 -15.01 0.23
N THR F 79 -22.69 -14.82 0.98
CA THR F 79 -21.74 -15.87 1.40
C THR F 79 -21.77 -16.39 2.87
N GLY F 80 -22.43 -15.70 3.78
CA GLY F 80 -22.45 -16.13 5.18
C GLY F 80 -21.33 -15.58 6.07
N LYS F 81 -20.48 -14.72 5.51
CA LYS F 81 -19.36 -14.16 6.24
C LYS F 81 -18.78 -12.93 5.56
N LEU F 82 -17.70 -12.39 6.14
CA LEU F 82 -17.02 -11.22 5.61
C LEU F 82 -15.52 -11.49 5.58
N ARG F 83 -14.95 -11.44 4.40
CA ARG F 83 -13.53 -11.72 4.28
C ARG F 83 -12.63 -10.74 5.05
N LYS F 84 -12.96 -9.44 5.02
CA LYS F 84 -12.22 -8.36 5.70
C LYS F 84 -12.24 -8.70 7.17
N LEU F 85 -13.36 -9.18 7.67
CA LEU F 85 -13.41 -9.53 9.08
C LEU F 85 -12.66 -10.83 9.43
N GLU F 86 -12.58 -11.79 8.50
CA GLU F 86 -11.90 -13.05 8.80
C GLU F 86 -10.43 -12.83 8.92
N LYS F 87 -9.94 -11.94 8.08
CA LYS F 87 -8.53 -11.57 8.05
C LYS F 87 -8.15 -10.72 9.27
N ILE F 88 -9.11 -9.98 9.82
CA ILE F 88 -8.85 -9.15 10.99
C ILE F 88 -8.69 -10.11 12.14
N ARG F 89 -9.63 -11.06 12.26
CA ARG F 89 -9.57 -12.08 13.30
C ARG F 89 -8.29 -12.92 13.22
N GLN F 90 -7.69 -12.94 12.04
CA GLN F 90 -6.49 -13.70 11.76
C GLN F 90 -5.19 -12.89 11.93
N ASP F 91 -5.31 -11.57 11.98
CA ASP F 91 -4.12 -10.73 12.13
C ASP F 91 -3.72 -10.80 13.57
N ASP F 92 -2.52 -11.28 13.83
CA ASP F 92 -2.10 -11.38 15.22
C ASP F 92 -1.94 -10.03 15.89
N THR F 93 -1.32 -9.07 15.20
CA THR F 93 -1.19 -7.76 15.79
C THR F 93 -2.57 -7.18 16.14
N SER F 94 -3.54 -7.30 15.21
CA SER F 94 -4.93 -6.83 15.40
C SER F 94 -5.61 -7.44 16.61
N SER F 95 -5.47 -8.75 16.78
CA SER F 95 -6.09 -9.43 17.93
C SER F 95 -5.35 -9.19 19.24
N SER F 96 -4.04 -8.92 19.15
CA SER F 96 -3.23 -8.63 20.35
C SER F 96 -3.66 -7.25 20.86
N ILE F 97 -3.54 -6.24 19.99
CA ILE F 97 -3.93 -4.88 20.31
C ILE F 97 -5.29 -4.83 20.99
N ASN F 98 -6.22 -5.59 20.44
CA ASN F 98 -7.57 -5.65 20.93
C ASN F 98 -7.77 -6.34 22.27
N PHE F 99 -7.08 -7.45 22.50
CA PHE F 99 -7.17 -8.14 23.78
C PHE F 99 -6.59 -7.25 24.91
N LEU F 100 -5.41 -6.67 24.69
CA LEU F 100 -4.79 -5.79 25.69
C LEU F 100 -5.79 -4.71 26.19
N THR F 101 -6.53 -4.12 25.26
CA THR F 101 -7.55 -3.12 25.53
C THR F 101 -8.56 -3.62 26.55
N ARG F 102 -8.62 -4.92 26.73
CA ARG F 102 -9.51 -5.48 27.73
C ARG F 102 -9.00 -5.20 29.15
N VAL F 103 -7.77 -4.71 29.29
CA VAL F 103 -7.19 -4.41 30.60
C VAL F 103 -7.56 -2.98 30.95
N THR F 104 -8.21 -2.77 32.08
CA THR F 104 -8.52 -1.42 32.43
C THR F 104 -7.28 -0.58 32.68
N GLY F 105 -7.23 0.53 31.95
CA GLY F 105 -6.12 1.45 31.98
C GLY F 105 -5.52 1.49 30.60
N ILE F 106 -5.61 0.35 29.90
CA ILE F 106 -5.05 0.25 28.56
C ILE F 106 -6.15 0.51 27.50
N GLY F 107 -5.81 1.38 26.54
CA GLY F 107 -6.69 1.74 25.46
C GLY F 107 -6.01 1.59 24.12
N PRO F 108 -6.64 2.05 23.04
CA PRO F 108 -5.98 1.87 21.74
C PRO F 108 -4.52 2.30 21.62
N SER F 109 -4.14 3.42 22.23
CA SER F 109 -2.74 3.90 22.19
C SER F 109 -1.73 3.00 22.89
N ALA F 110 -1.99 2.69 24.16
CA ALA F 110 -1.14 1.86 24.98
C ALA F 110 -1.04 0.46 24.39
N ALA F 111 -2.18 -0.10 23.97
CA ALA F 111 -2.25 -1.45 23.38
C ALA F 111 -1.37 -1.52 22.13
N ARG F 112 -1.44 -0.51 21.28
CA ARG F 112 -0.62 -0.48 20.08
C ARG F 112 0.87 -0.21 20.38
N LYS F 113 1.17 0.54 21.44
CA LYS F 113 2.57 0.82 21.84
C LYS F 113 3.15 -0.47 22.42
N LEU F 114 2.36 -1.16 23.24
CA LEU F 114 2.78 -2.43 23.83
C LEU F 114 3.04 -3.45 22.75
N VAL F 115 2.03 -3.76 21.93
CA VAL F 115 2.18 -4.72 20.82
C VAL F 115 3.33 -4.33 19.85
N ASP F 116 3.57 -3.04 19.62
CA ASP F 116 4.67 -2.64 18.74
C ASP F 116 6.05 -3.02 19.36
N GLU F 117 6.02 -3.41 20.65
CA GLU F 117 7.20 -3.79 21.41
C GLU F 117 7.24 -5.28 21.75
N GLY F 118 6.31 -6.06 21.22
CA GLY F 118 6.29 -7.50 21.47
C GLY F 118 5.43 -7.93 22.62
N ILE F 119 4.80 -7.00 23.32
CA ILE F 119 3.97 -7.36 24.48
C ILE F 119 2.57 -7.61 23.96
N LYS F 120 2.10 -8.85 24.10
CA LYS F 120 0.79 -9.24 23.57
C LYS F 120 -0.01 -10.09 24.51
N THR F 121 0.66 -10.81 25.38
CA THR F 121 -0.02 -11.72 26.27
C THR F 121 -0.18 -11.19 27.67
N LEU F 122 -1.14 -11.75 28.38
CA LEU F 122 -1.41 -11.40 29.77
C LEU F 122 -0.07 -11.66 30.47
N GLU F 123 0.55 -12.80 30.14
CA GLU F 123 1.84 -13.20 30.70
C GLU F 123 2.97 -12.23 30.32
N ASP F 124 3.05 -11.81 29.05
CA ASP F 124 4.06 -10.85 28.62
C ASP F 124 3.94 -9.60 29.50
N LEU F 125 2.69 -9.22 29.75
CA LEU F 125 2.34 -8.07 30.58
C LEU F 125 2.92 -8.22 31.97
N ARG F 126 2.84 -9.44 32.51
CA ARG F 126 3.36 -9.74 33.86
C ARG F 126 4.90 -9.64 33.97
N LYS F 127 5.59 -9.82 32.86
CA LYS F 127 7.05 -9.72 32.82
C LYS F 127 7.46 -8.33 32.34
N ASN F 128 6.48 -7.45 32.12
CA ASN F 128 6.81 -6.07 31.71
C ASN F 128 5.99 -4.98 32.41
N GLU F 129 5.66 -5.21 33.68
CA GLU F 129 4.91 -4.25 34.47
C GLU F 129 5.56 -2.85 34.54
N ASP F 130 6.85 -2.79 34.22
CA ASP F 130 7.61 -1.53 34.17
C ASP F 130 7.14 -0.68 33.00
N LYS F 131 6.42 -1.29 32.06
CA LYS F 131 5.89 -0.55 30.92
C LYS F 131 4.48 -0.03 31.27
N LEU F 132 3.91 -0.55 32.34
CA LEU F 132 2.58 -0.19 32.83
C LEU F 132 2.50 0.85 33.94
N ASN F 133 1.47 1.70 33.93
CA ASN F 133 1.26 2.70 34.98
C ASN F 133 0.46 2.00 36.07
N HIS F 134 0.37 2.63 37.23
CA HIS F 134 -0.29 1.99 38.37
C HIS F 134 -1.72 1.46 38.05
N HIS F 135 -2.50 2.24 37.30
CA HIS F 135 -3.90 1.85 36.92
C HIS F 135 -3.86 0.55 36.11
N GLN F 136 -2.97 0.50 35.12
CA GLN F 136 -2.82 -0.66 34.27
C GLN F 136 -2.21 -1.83 35.06
N ARG F 137 -1.27 -1.55 35.98
CA ARG F 137 -0.65 -2.59 36.79
C ARG F 137 -1.76 -3.25 37.61
N ILE F 138 -2.67 -2.45 38.16
CA ILE F 138 -3.79 -3.01 38.93
C ILE F 138 -4.81 -3.73 38.02
N GLY F 139 -5.03 -3.19 36.82
CA GLY F 139 -5.96 -3.80 35.90
C GLY F 139 -5.47 -5.17 35.52
N LEU F 140 -4.14 -5.31 35.47
CA LEU F 140 -3.45 -6.56 35.14
C LEU F 140 -3.67 -7.51 36.30
N LYS F 141 -3.47 -7.01 37.51
CA LYS F 141 -3.65 -7.82 38.71
C LYS F 141 -5.01 -8.55 38.76
N TYR F 142 -6.14 -7.81 38.80
CA TYR F 142 -7.48 -8.42 38.84
C TYR F 142 -8.17 -8.59 37.49
N PHE F 143 -7.43 -8.63 36.37
CA PHE F 143 -8.04 -8.79 35.04
C PHE F 143 -9.23 -9.79 35.02
N GLU F 144 -8.99 -11.01 35.47
CA GLU F 144 -10.02 -12.05 35.48
C GLU F 144 -11.20 -11.70 36.37
N ASP F 145 -10.92 -11.13 37.54
CA ASP F 145 -11.97 -10.76 38.48
C ASP F 145 -12.86 -9.62 37.98
N PHE F 146 -12.27 -8.64 37.30
CA PHE F 146 -13.07 -7.54 36.80
C PHE F 146 -13.97 -8.03 35.65
N GLU F 147 -13.60 -9.15 35.02
CA GLU F 147 -14.37 -9.76 33.93
C GLU F 147 -15.69 -10.30 34.49
N LYS F 148 -15.64 -10.74 35.75
CA LYS F 148 -16.79 -11.30 36.45
C LYS F 148 -17.87 -10.27 36.78
N ARG F 149 -19.12 -10.63 36.54
CA ARG F 149 -20.24 -9.74 36.84
C ARG F 149 -20.63 -9.91 38.30
N ILE F 150 -21.46 -9.00 38.82
CA ILE F 150 -21.83 -9.06 40.24
C ILE F 150 -23.28 -9.36 40.62
N PRO F 151 -23.49 -10.40 41.47
CA PRO F 151 -24.83 -10.77 41.93
C PRO F 151 -25.35 -9.70 42.87
N ARG F 152 -26.63 -9.33 42.71
CA ARG F 152 -27.25 -8.30 43.55
C ARG F 152 -27.19 -8.63 45.04
N GLU F 153 -27.00 -9.92 45.34
CA GLU F 153 -26.91 -10.39 46.72
C GLU F 153 -25.59 -9.91 47.31
N GLU F 154 -24.65 -9.65 46.41
CA GLU F 154 -23.34 -9.15 46.80
C GLU F 154 -23.36 -7.63 46.74
N MET F 155 -24.14 -7.07 45.82
CA MET F 155 -24.28 -5.61 45.69
C MET F 155 -24.99 -5.06 46.92
N LEU F 156 -26.00 -5.81 47.38
CA LEU F 156 -26.78 -5.44 48.56
C LEU F 156 -25.86 -5.53 49.77
N GLN F 157 -25.09 -6.61 49.87
CA GLN F 157 -24.15 -6.77 50.97
C GLN F 157 -23.23 -5.54 50.99
N MET F 158 -22.62 -5.25 49.84
CA MET F 158 -21.69 -4.11 49.65
C MET F 158 -22.32 -2.75 49.95
N GLN F 159 -23.64 -2.66 49.82
CA GLN F 159 -24.35 -1.41 50.05
C GLN F 159 -24.39 -1.07 51.53
N ASP F 160 -24.48 -2.09 52.37
CA ASP F 160 -24.56 -1.91 53.81
C ASP F 160 -23.23 -1.47 54.38
N ILE F 161 -22.14 -1.81 53.70
CA ILE F 161 -20.84 -1.39 54.19
C ILE F 161 -20.68 0.09 53.90
N VAL F 162 -20.91 0.51 52.65
CA VAL F 162 -20.79 1.93 52.30
C VAL F 162 -21.75 2.76 53.17
N LEU F 163 -23.05 2.46 53.10
CA LEU F 163 -24.03 3.19 53.92
C LEU F 163 -23.77 3.11 55.43
N ASN F 164 -23.58 1.91 55.98
CA ASN F 164 -23.34 1.78 57.43
C ASN F 164 -22.03 2.45 57.90
N GLU F 165 -21.12 2.72 56.97
CA GLU F 165 -19.84 3.36 57.30
C GLU F 165 -19.94 4.86 57.12
N VAL F 166 -20.60 5.25 56.03
CA VAL F 166 -20.83 6.63 55.66
C VAL F 166 -21.43 7.37 56.87
N LYS F 167 -22.38 6.73 57.56
CA LYS F 167 -22.97 7.37 58.73
C LYS F 167 -22.07 7.34 59.97
N LYS F 168 -21.29 6.28 60.15
CA LYS F 168 -20.36 6.16 61.28
C LYS F 168 -19.35 7.32 61.37
N LEU F 169 -19.13 7.99 60.25
CA LEU F 169 -18.20 9.10 60.20
C LEU F 169 -18.91 10.42 60.46
N ASP F 170 -19.94 10.68 59.65
CA ASP F 170 -20.73 11.89 59.77
C ASP F 170 -22.13 11.52 59.29
N PRO F 171 -23.10 11.46 60.21
CA PRO F 171 -24.52 11.11 59.93
C PRO F 171 -25.18 11.97 58.85
N GLU F 172 -24.54 13.11 58.53
CA GLU F 172 -25.01 14.04 57.51
C GLU F 172 -24.49 13.59 56.14
N TYR F 173 -23.96 12.37 56.08
CA TYR F 173 -23.47 11.82 54.84
C TYR F 173 -24.58 10.98 54.26
N ILE F 174 -24.74 11.07 52.94
CA ILE F 174 -25.74 10.32 52.20
C ILE F 174 -25.06 9.71 50.97
N ALA F 175 -25.10 8.39 50.89
CA ALA F 175 -24.54 7.67 49.78
C ALA F 175 -25.69 6.89 49.14
N THR F 176 -25.67 6.82 47.81
CA THR F 176 -26.69 6.11 47.04
C THR F 176 -25.99 5.37 45.92
N VAL F 177 -26.11 4.06 45.90
CA VAL F 177 -25.48 3.31 44.83
C VAL F 177 -26.40 3.36 43.62
N CYS F 178 -25.94 4.09 42.61
CA CYS F 178 -26.65 4.28 41.36
C CYS F 178 -26.31 3.10 40.45
N GLY F 179 -26.04 3.34 39.17
CA GLY F 179 -25.70 2.24 38.29
C GLY F 179 -26.83 1.31 37.89
N SER F 180 -26.50 0.13 37.36
CA SER F 180 -27.53 -0.81 36.93
C SER F 180 -28.29 -1.33 38.16
N PHE F 181 -27.71 -1.10 39.33
CA PHE F 181 -28.31 -1.49 40.60
C PHE F 181 -29.62 -0.69 40.78
N ARG F 182 -29.49 0.62 40.86
CA ARG F 182 -30.62 1.53 41.02
C ARG F 182 -31.60 1.43 39.85
N ARG F 183 -31.11 0.97 38.70
CA ARG F 183 -31.98 0.86 37.54
C ARG F 183 -32.60 -0.54 37.40
N GLY F 184 -32.73 -1.23 38.53
CA GLY F 184 -33.33 -2.55 38.55
C GLY F 184 -32.69 -3.67 37.75
N ALA F 185 -31.48 -4.05 38.14
CA ALA F 185 -30.78 -5.16 37.46
C ALA F 185 -30.30 -6.15 38.53
N GLU F 186 -29.94 -7.35 38.11
CA GLU F 186 -29.47 -8.39 39.04
C GLU F 186 -27.96 -8.52 38.99
N SER F 187 -27.42 -8.23 37.81
CA SER F 187 -25.99 -8.26 37.58
C SER F 187 -25.57 -6.79 37.47
N SER F 188 -24.31 -6.51 37.77
CA SER F 188 -23.77 -5.16 37.67
C SER F 188 -22.26 -5.26 37.52
N GLY F 189 -21.72 -4.64 36.47
CA GLY F 189 -20.29 -4.69 36.25
C GLY F 189 -19.46 -4.17 37.42
N ASP F 190 -19.99 -3.18 38.13
CA ASP F 190 -19.30 -2.59 39.27
C ASP F 190 -20.26 -1.76 40.13
N MET F 191 -19.75 -1.29 41.25
CA MET F 191 -20.51 -0.47 42.20
C MET F 191 -20.27 1.04 42.02
N ASP F 192 -21.33 1.77 41.64
CA ASP F 192 -21.29 3.21 41.48
C ASP F 192 -22.05 3.82 42.66
N VAL F 193 -21.35 4.50 43.53
CA VAL F 193 -22.00 5.10 44.70
C VAL F 193 -21.90 6.63 44.68
N LEU F 194 -23.05 7.29 44.67
CA LEU F 194 -23.13 8.75 44.68
C LEU F 194 -22.92 9.20 46.11
N LEU F 195 -22.28 10.33 46.30
CA LEU F 195 -22.04 10.79 47.63
C LEU F 195 -22.38 12.27 47.78
N THR F 196 -22.98 12.62 48.91
CA THR F 196 -23.35 14.00 49.23
C THR F 196 -23.21 14.29 50.72
N HIS F 197 -22.88 15.54 51.01
CA HIS F 197 -22.74 16.00 52.38
C HIS F 197 -22.92 17.51 52.33
N PRO F 198 -23.73 18.06 53.26
CA PRO F 198 -24.04 19.49 53.36
C PRO F 198 -22.87 20.47 53.33
N ASN F 199 -21.68 20.02 53.72
CA ASN F 199 -20.48 20.89 53.70
C ASN F 199 -20.02 21.16 52.27
N PHE F 200 -20.36 20.26 51.35
CA PHE F 200 -20.01 20.43 49.95
C PHE F 200 -21.29 20.90 49.22
N THR F 201 -21.21 22.11 48.70
CA THR F 201 -22.33 22.79 48.05
C THR F 201 -21.78 23.66 46.94
N SER F 202 -22.67 24.14 46.05
CA SER F 202 -22.27 25.01 44.94
C SER F 202 -21.73 26.37 45.41
N GLU F 203 -22.28 26.89 46.50
CA GLU F 203 -21.86 28.18 47.04
C GLU F 203 -20.79 28.11 48.14
N SER F 204 -20.09 26.98 48.22
CA SER F 204 -19.03 26.78 49.21
C SER F 204 -17.66 26.74 48.51
N SER F 205 -16.59 26.91 49.30
CA SER F 205 -15.23 26.88 48.77
C SER F 205 -14.69 25.45 48.58
N LYS F 206 -15.51 24.61 47.93
CA LYS F 206 -15.18 23.21 47.58
C LYS F 206 -14.90 22.37 48.86
N GLN F 207 -14.28 21.20 48.68
CA GLN F 207 -13.94 20.30 49.81
C GLN F 207 -13.44 18.92 49.33
N PRO F 208 -12.15 18.74 49.08
CA PRO F 208 -11.62 17.44 48.66
C PRO F 208 -11.69 16.37 49.74
N LYS F 209 -11.37 16.80 50.95
CA LYS F 209 -11.25 15.93 52.15
C LYS F 209 -12.53 15.19 52.48
N LEU F 210 -13.67 15.75 52.11
CA LEU F 210 -14.93 15.06 52.37
C LEU F 210 -14.94 13.67 51.73
N LEU F 211 -14.34 13.55 50.54
CA LEU F 211 -14.28 12.27 49.85
C LEU F 211 -13.17 11.38 50.38
N HIS F 212 -11.98 11.95 50.55
CA HIS F 212 -10.82 11.23 51.06
C HIS F 212 -11.16 10.44 52.32
N ARG F 213 -11.91 11.09 53.22
CA ARG F 213 -12.35 10.49 54.48
C ARG F 213 -13.12 9.20 54.25
N VAL F 214 -14.15 9.28 53.43
CA VAL F 214 -14.98 8.11 53.11
C VAL F 214 -14.13 6.99 52.57
N VAL F 215 -13.20 7.31 51.68
CA VAL F 215 -12.30 6.33 51.06
C VAL F 215 -11.38 5.67 52.11
N GLU F 216 -10.66 6.50 52.85
CA GLU F 216 -9.76 6.04 53.91
C GLU F 216 -10.46 5.19 54.96
N GLN F 217 -11.70 5.56 55.27
CA GLN F 217 -12.49 4.81 56.24
C GLN F 217 -12.75 3.42 55.68
N LEU F 218 -13.35 3.36 54.49
CA LEU F 218 -13.64 2.10 53.82
C LEU F 218 -12.35 1.30 53.57
N GLN F 219 -11.23 1.99 53.54
CA GLN F 219 -9.92 1.37 53.32
C GLN F 219 -9.40 0.70 54.60
N LYS F 220 -9.71 1.33 55.72
CA LYS F 220 -9.30 0.88 57.05
C LYS F 220 -10.04 -0.39 57.46
N VAL F 221 -11.21 -0.60 56.87
CA VAL F 221 -12.06 -1.75 57.16
C VAL F 221 -11.78 -2.85 56.15
N ARG F 222 -10.71 -2.65 55.39
CA ARG F 222 -10.26 -3.57 54.36
C ARG F 222 -11.32 -3.79 53.27
N PHE F 223 -12.17 -2.79 53.00
CA PHE F 223 -13.18 -2.92 51.95
C PHE F 223 -12.53 -2.46 50.64
N ILE F 224 -12.12 -1.19 50.61
CA ILE F 224 -11.43 -0.65 49.45
C ILE F 224 -10.01 -1.21 49.51
N THR F 225 -9.61 -1.93 48.47
CA THR F 225 -8.28 -2.50 48.44
C THR F 225 -7.26 -1.67 47.65
N ASP F 226 -7.66 -1.15 46.48
CA ASP F 226 -6.74 -0.34 45.66
C ASP F 226 -7.29 0.99 45.11
N THR F 227 -6.40 1.77 44.49
CA THR F 227 -6.77 3.07 43.95
C THR F 227 -6.29 3.15 42.52
N LEU F 228 -7.20 3.35 41.58
CA LEU F 228 -6.81 3.44 40.18
C LEU F 228 -6.57 4.93 39.98
N SER F 229 -7.50 5.74 40.49
CA SER F 229 -7.43 7.19 40.40
C SER F 229 -8.23 7.79 41.59
N LYS F 230 -7.92 9.01 42.00
CA LYS F 230 -8.55 9.68 43.15
C LYS F 230 -8.37 11.20 43.07
N GLY F 231 -9.41 11.95 43.48
CA GLY F 231 -9.35 13.41 43.45
C GLY F 231 -10.40 14.01 44.36
N GLU F 232 -10.63 15.30 44.23
CA GLU F 232 -11.67 15.92 45.06
C GLU F 232 -13.04 15.22 44.88
N THR F 233 -13.61 15.27 43.68
CA THR F 233 -14.91 14.66 43.44
C THR F 233 -15.04 13.23 42.98
N LYS F 234 -13.96 12.62 42.52
CA LYS F 234 -14.07 11.24 42.01
C LYS F 234 -13.05 10.22 42.49
N PHE F 235 -13.54 9.04 42.82
CA PHE F 235 -12.70 7.94 43.22
C PHE F 235 -12.98 6.78 42.27
N MET F 236 -11.92 6.05 41.96
CA MET F 236 -11.97 4.92 41.06
C MET F 236 -10.98 3.96 41.68
N GLY F 237 -11.48 2.87 42.23
CA GLY F 237 -10.61 1.91 42.86
C GLY F 237 -11.14 0.51 42.84
N VAL F 238 -10.77 -0.26 43.86
CA VAL F 238 -11.13 -1.65 43.97
C VAL F 238 -11.67 -1.92 45.36
N CYS F 239 -12.57 -2.90 45.49
CA CYS F 239 -13.15 -3.27 46.77
C CYS F 239 -13.41 -4.78 46.82
N GLN F 240 -13.77 -5.28 48.00
CA GLN F 240 -14.02 -6.70 48.15
C GLN F 240 -14.92 -7.04 49.34
N LEU F 241 -15.73 -8.08 49.19
CA LEU F 241 -16.54 -8.50 50.31
C LEU F 241 -15.57 -9.32 51.17
N PRO F 242 -15.52 -9.04 52.48
CA PRO F 242 -14.65 -9.73 53.43
C PRO F 242 -14.82 -11.25 53.53
N SER F 243 -13.72 -11.95 53.37
CA SER F 243 -13.70 -13.40 53.47
C SER F 243 -13.43 -13.65 54.95
N GLU F 244 -14.36 -13.20 55.80
CA GLU F 244 -14.26 -13.35 57.25
C GLU F 244 -14.04 -14.83 57.57
N ASN F 245 -14.44 -15.66 56.63
CA ASN F 245 -14.33 -17.10 56.74
C ASN F 245 -13.13 -17.61 55.96
N ASP F 246 -12.55 -18.72 56.43
CA ASP F 246 -11.37 -19.32 55.80
C ASP F 246 -11.74 -20.17 54.58
N GLU F 247 -12.18 -19.50 53.52
CA GLU F 247 -12.58 -20.17 52.28
C GLU F 247 -12.33 -19.26 51.05
N ASN F 248 -12.35 -19.91 49.90
CA ASN F 248 -12.14 -19.30 48.56
C ASN F 248 -11.85 -17.77 48.70
N GLU F 249 -12.93 -16.98 48.90
CA GLU F 249 -12.89 -15.50 49.14
C GLU F 249 -13.15 -14.69 47.84
N TYR F 250 -14.25 -13.95 47.96
CA TYR F 250 -14.92 -13.09 46.94
C TYR F 250 -13.99 -12.39 45.93
N PRO F 251 -14.37 -12.35 44.63
CA PRO F 251 -13.59 -11.69 43.59
C PRO F 251 -13.45 -10.24 43.91
N HIS F 252 -12.36 -9.64 43.46
CA HIS F 252 -12.13 -8.22 43.69
C HIS F 252 -13.01 -7.43 42.73
N ARG F 253 -13.76 -6.49 43.28
CA ARG F 253 -14.69 -5.70 42.50
C ARG F 253 -14.19 -4.28 42.24
N ARG F 254 -14.67 -3.76 41.12
CA ARG F 254 -14.39 -2.37 40.71
C ARG F 254 -15.45 -1.51 41.39
N ILE F 255 -15.04 -0.36 41.87
CA ILE F 255 -15.95 0.55 42.55
C ILE F 255 -15.64 2.00 42.19
N ASP F 256 -16.67 2.73 41.81
CA ASP F 256 -16.58 4.15 41.47
C ASP F 256 -17.32 4.90 42.56
N ILE F 257 -16.77 6.03 42.99
CA ILE F 257 -17.43 6.84 44.01
C ILE F 257 -17.34 8.30 43.58
N ARG F 258 -18.49 8.94 43.48
CA ARG F 258 -18.53 10.33 43.05
C ARG F 258 -19.24 11.20 44.08
N LEU F 259 -18.64 12.37 44.32
CA LEU F 259 -19.12 13.38 45.28
C LEU F 259 -19.65 14.54 44.47
N ILE F 260 -20.94 14.80 44.65
CA ILE F 260 -21.64 15.87 43.94
C ILE F 260 -22.10 16.88 45.00
N PRO F 261 -22.16 18.17 44.64
CA PRO F 261 -22.60 19.22 45.57
C PRO F 261 -24.04 18.98 46.03
N LYS F 262 -24.23 19.00 47.35
CA LYS F 262 -25.51 18.78 48.02
C LYS F 262 -26.78 19.24 47.27
N ASP F 263 -26.73 20.46 46.72
CA ASP F 263 -27.83 21.09 45.99
C ASP F 263 -27.93 20.76 44.50
N GLN F 264 -27.28 19.68 44.11
CA GLN F 264 -27.26 19.23 42.71
C GLN F 264 -27.35 17.72 42.72
N TYR F 265 -27.75 17.16 43.87
CA TYR F 265 -27.90 15.72 44.05
C TYR F 265 -28.66 15.07 42.89
N TYR F 266 -29.75 15.72 42.47
CA TYR F 266 -30.61 15.21 41.41
C TYR F 266 -29.99 15.00 40.05
N CYS F 267 -29.27 15.99 39.52
CA CYS F 267 -28.61 15.80 38.26
C CYS F 267 -27.62 14.62 38.41
N GLY F 268 -26.97 14.57 39.57
CA GLY F 268 -25.98 13.54 39.88
C GLY F 268 -26.52 12.13 39.97
N VAL F 269 -27.81 12.01 40.31
CA VAL F 269 -28.45 10.69 40.38
C VAL F 269 -28.79 10.33 38.94
N LEU F 270 -29.30 11.30 38.20
CA LEU F 270 -29.67 11.09 36.82
C LEU F 270 -28.43 10.56 36.07
N TYR F 271 -27.36 11.34 36.11
CA TYR F 271 -26.09 11.03 35.43
C TYR F 271 -25.53 9.64 35.82
N PHE F 272 -25.40 9.41 37.12
CA PHE F 272 -24.81 8.16 37.64
C PHE F 272 -25.76 6.97 37.59
N THR F 273 -27.02 7.22 37.20
CA THR F 273 -27.97 6.11 37.14
C THR F 273 -28.32 5.63 35.73
N GLY F 274 -28.99 6.54 35.03
CA GLY F 274 -29.45 6.36 33.65
C GLY F 274 -28.92 5.16 32.89
N SER F 275 -27.93 5.42 32.05
CA SER F 275 -27.24 4.43 31.17
C SER F 275 -26.40 5.32 30.29
N ASP F 276 -25.22 4.91 29.94
CA ASP F 276 -24.44 5.78 29.07
C ASP F 276 -25.30 6.14 27.86
N ILE F 277 -26.12 5.16 27.45
CA ILE F 277 -27.03 5.29 26.28
C ILE F 277 -28.18 6.27 26.60
N PHE F 278 -28.88 6.01 27.71
CA PHE F 278 -29.98 6.88 28.12
C PHE F 278 -29.52 8.32 28.32
N ASN F 279 -28.40 8.49 29.02
CA ASN F 279 -27.88 9.83 29.26
C ASN F 279 -27.58 10.54 27.97
N LYS F 280 -26.83 9.88 27.08
CA LYS F 280 -26.45 10.43 25.78
C LYS F 280 -27.68 10.89 24.99
N ASN F 281 -28.72 10.06 25.00
CA ASN F 281 -29.97 10.37 24.28
C ASN F 281 -30.77 11.52 24.87
N MET F 282 -30.86 11.51 26.19
CA MET F 282 -31.56 12.54 26.97
C MET F 282 -30.85 13.88 26.83
N ARG F 283 -29.52 13.83 26.88
CA ARG F 283 -28.70 15.02 26.77
C ARG F 283 -28.75 15.64 25.37
N ALA F 284 -28.97 14.79 24.37
CA ALA F 284 -29.07 15.25 22.98
C ALA F 284 -30.42 15.94 22.79
N HIS F 285 -31.47 15.31 23.30
CA HIS F 285 -32.82 15.86 23.23
C HIS F 285 -32.90 17.20 23.96
N ALA F 286 -32.06 17.35 24.98
CA ALA F 286 -32.01 18.55 25.79
C ALA F 286 -31.55 19.70 24.94
N LEU F 287 -30.42 19.51 24.25
CA LEU F 287 -29.87 20.55 23.38
C LEU F 287 -30.89 20.88 22.28
N GLU F 288 -31.72 19.90 21.94
CA GLU F 288 -32.75 20.07 20.92
C GLU F 288 -33.73 21.15 21.38
N LYS F 289 -34.03 21.12 22.68
CA LYS F 289 -34.93 22.06 23.32
C LYS F 289 -34.28 23.36 23.83
N GLY F 290 -32.95 23.40 23.82
CA GLY F 290 -32.26 24.58 24.30
C GLY F 290 -31.91 24.43 25.78
N PHE F 291 -31.42 23.25 26.16
CA PHE F 291 -31.00 22.91 27.53
C PHE F 291 -29.70 22.11 27.55
N THR F 292 -28.87 22.32 28.58
CA THR F 292 -27.59 21.63 28.71
C THR F 292 -27.60 20.76 29.98
N ILE F 293 -27.92 19.47 29.84
CA ILE F 293 -27.90 18.63 31.03
C ILE F 293 -26.47 18.22 31.41
N ASN F 294 -26.24 18.16 32.72
CA ASN F 294 -24.93 17.85 33.29
C ASN F 294 -25.17 16.91 34.46
N GLU F 295 -24.08 16.52 35.13
CA GLU F 295 -24.21 15.68 36.32
C GLU F 295 -24.41 16.67 37.47
N TYR F 296 -24.18 17.94 37.13
CA TYR F 296 -24.31 19.06 38.05
C TYR F 296 -25.66 19.80 37.89
N THR F 297 -25.81 20.55 36.80
CA THR F 297 -27.01 21.37 36.58
C THR F 297 -27.73 21.09 35.25
N ILE F 298 -28.83 21.80 35.08
CA ILE F 298 -29.68 21.75 33.86
C ILE F 298 -29.94 23.17 33.39
N ARG F 299 -28.86 23.87 33.04
CA ARG F 299 -28.94 25.27 32.60
C ARG F 299 -29.46 25.36 31.16
N PRO F 300 -29.87 26.56 30.69
CA PRO F 300 -30.36 26.65 29.32
C PRO F 300 -29.38 27.34 28.37
N LEU F 301 -29.45 26.95 27.10
CA LEU F 301 -28.59 27.54 26.08
C LEU F 301 -29.07 28.96 25.83
N GLY F 302 -28.11 29.87 25.69
CA GLY F 302 -28.45 31.26 25.41
C GLY F 302 -29.22 31.38 24.10
N VAL F 303 -29.80 32.54 23.85
CA VAL F 303 -30.57 32.75 22.62
C VAL F 303 -29.70 32.42 21.39
N THR F 304 -28.38 32.46 21.57
CA THR F 304 -27.41 32.14 20.52
C THR F 304 -26.80 30.73 20.67
N GLY F 305 -26.68 30.27 21.91
CA GLY F 305 -26.12 28.96 22.19
C GLY F 305 -25.42 28.91 23.54
N VAL F 306 -24.67 29.97 23.87
CA VAL F 306 -23.93 30.09 25.12
C VAL F 306 -24.77 29.91 26.38
N ALA F 307 -24.51 28.83 27.11
CA ALA F 307 -25.24 28.49 28.34
C ALA F 307 -25.09 29.47 29.52
N GLY F 308 -26.27 29.64 30.16
CA GLY F 308 -26.60 30.56 31.28
C GLY F 308 -26.71 29.87 32.65
N GLU F 309 -27.34 30.61 33.58
CA GLU F 309 -27.57 30.21 34.99
C GLU F 309 -28.50 28.99 35.01
N PRO F 310 -28.15 28.00 35.84
CA PRO F 310 -28.89 26.75 36.02
C PRO F 310 -30.28 26.87 36.60
N LEU F 311 -31.23 26.21 35.97
CA LEU F 311 -32.62 26.20 36.43
C LEU F 311 -32.69 25.42 37.74
N PRO F 312 -33.71 25.69 38.56
CA PRO F 312 -33.79 24.95 39.82
C PRO F 312 -34.51 23.62 39.61
N VAL F 313 -34.09 22.61 40.35
CA VAL F 313 -34.73 21.32 40.28
C VAL F 313 -34.88 20.85 41.71
N ASP F 314 -35.81 19.92 41.94
CA ASP F 314 -36.04 19.36 43.25
C ASP F 314 -36.41 17.91 43.17
N SER F 315 -36.14 17.29 42.02
CA SER F 315 -36.42 15.86 41.78
C SER F 315 -35.92 15.52 40.38
N GLU F 316 -35.76 14.23 40.08
CA GLU F 316 -35.31 13.85 38.75
C GLU F 316 -36.39 14.33 37.79
N GLN F 317 -37.63 14.00 38.13
CA GLN F 317 -38.84 14.38 37.38
C GLN F 317 -38.82 15.83 36.90
N ASP F 318 -38.25 16.72 37.71
CA ASP F 318 -38.13 18.14 37.40
C ASP F 318 -37.23 18.41 36.18
N ILE F 319 -36.15 17.65 36.06
CA ILE F 319 -35.20 17.80 34.96
C ILE F 319 -35.86 17.40 33.65
N PHE F 320 -36.59 16.28 33.69
CA PHE F 320 -37.32 15.75 32.54
C PHE F 320 -38.29 16.78 31.98
N ASP F 321 -39.22 17.23 32.82
CA ASP F 321 -40.23 18.22 32.43
C ASP F 321 -39.65 19.41 31.68
N TYR F 322 -38.47 19.85 32.08
CA TYR F 322 -37.81 20.97 31.42
C TYR F 322 -37.67 20.74 29.92
N ILE F 323 -37.22 19.54 29.55
CA ILE F 323 -37.06 19.16 28.15
C ILE F 323 -38.31 18.41 27.65
N GLN F 324 -39.37 18.46 28.45
CA GLN F 324 -40.65 17.83 28.13
C GLN F 324 -40.58 16.35 27.77
N TRP F 325 -40.37 15.50 28.77
CA TRP F 325 -40.30 14.05 28.55
C TRP F 325 -41.08 13.24 29.58
N ARG F 326 -41.66 12.13 29.12
CA ARG F 326 -42.39 11.22 29.99
C ARG F 326 -41.39 10.64 30.99
N TYR F 327 -41.49 11.08 32.23
CA TYR F 327 -40.56 10.64 33.30
C TYR F 327 -40.23 9.16 33.14
N ARG F 328 -38.98 8.92 32.77
CA ARG F 328 -38.43 7.57 32.54
C ARG F 328 -37.95 6.99 33.86
N GLU F 329 -38.78 6.17 34.47
CA GLU F 329 -38.43 5.52 35.72
C GLU F 329 -37.14 4.74 35.47
N PRO F 330 -36.18 4.80 36.41
CA PRO F 330 -34.87 4.14 36.37
C PRO F 330 -34.74 2.84 35.61
N LYS F 331 -35.56 1.86 35.97
CA LYS F 331 -35.53 0.54 35.33
C LYS F 331 -35.91 0.51 33.83
N ASP F 332 -36.25 1.67 33.29
CA ASP F 332 -36.65 1.83 31.88
C ASP F 332 -35.58 2.60 31.11
N ARG F 333 -34.47 2.92 31.78
CA ARG F 333 -33.38 3.69 31.20
C ARG F 333 -32.23 2.91 30.53
N SER F 334 -32.59 1.89 29.74
CA SER F 334 -31.60 1.05 29.08
C SER F 334 -31.55 1.31 27.57
CR CR G . 16.45 -2.44 -25.49
O3 MDN H . 16.13 -2.24 -28.41
P1 MDN H . 14.62 -2.34 -28.02
O1 MDN H . 13.80 -1.56 -28.98
O2 MDN H . 14.77 -1.93 -26.47
C4 MDN H . 14.64 -3.81 -28.17
P5 MDN H . 15.22 -4.89 -27.13
O6 MDN H . 16.27 -4.21 -26.15
O7 MDN H . 14.02 -5.41 -26.50
O8 MDN H . 15.86 -5.84 -28.06
CR CR I . -21.38 0.57 37.05
O3 MDN J . -23.37 1.73 33.74
P1 MDN J . -23.80 0.89 35.01
O1 MDN J . -25.24 1.05 35.24
O2 MDN J . -22.71 1.43 36.09
C4 MDN J . -23.39 -0.36 34.36
P5 MDN J . -22.39 -1.51 34.92
O6 MDN J . -21.47 -0.95 36.07
O7 MDN J . -23.28 -2.58 35.31
O8 MDN J . -21.63 -1.77 33.67
#